data_6EG1
#
_entry.id   6EG1
#
_cell.length_a   116.771
_cell.length_b   120.908
_cell.length_c   144.908
_cell.angle_alpha   90.00
_cell.angle_beta   90.00
_cell.angle_gamma   90.00
#
_symmetry.space_group_name_H-M   'P 21 21 21'
#
loop_
_entity.id
_entity.type
_entity.pdbx_description
1 polymer 'Defective proboscis extension response 2, isoform F'
2 polymer 'Dpr-interacting protein theta'
3 branched 2-acetamido-2-deoxy-beta-D-glucopyranose-(1-4)-[alpha-L-fucopyranose-(1-6)]2-acetamido-2-deoxy-beta-D-glucopyranose
4 branched alpha-D-mannopyranose-(1-3)-beta-D-mannopyranose-(1-4)-2-acetamido-2-deoxy-beta-D-glucopyranose-(1-4)-[alpha-L-fucopyranose-(1-6)]2-acetamido-2-deoxy-beta-D-glucopyranose
5 branched beta-D-mannopyranose-(1-4)-2-acetamido-2-deoxy-beta-D-glucopyranose-(1-4)-[alpha-L-fucopyranose-(1-6)]2-acetamido-2-deoxy-beta-D-glucopyranose
6 branched alpha-L-fucopyranose-(1-6)-2-acetamido-2-deoxy-beta-D-glucopyranose
7 branched 2-acetamido-2-deoxy-beta-D-glucopyranose-(1-4)-2-acetamido-2-deoxy-beta-D-glucopyranose
8 non-polymer 'CITRATE ANION'
9 non-polymer DI(HYDROXYETHYL)ETHER
10 non-polymer (R,R)-2,3-BUTANEDIOL
11 non-polymer 2-acetamido-2-deoxy-beta-D-glucopyranose
12 water water
#
loop_
_entity_poly.entity_id
_entity_poly.type
_entity_poly.pdbx_seq_one_letter_code
_entity_poly.pdbx_strand_id
1 'polypeptide(L)'
;GSYPPPVFDFGMPRNITTRTGHTAAINCRVDNLGDKSVSWIRKRDLHILTAGILTYTSDERFKVVRTADSKDWTLHVKYA
QPRDSGIYECQVNTEPKISMAFRLNVIVTPPDAKAIIAGPTDLYVKVGSSVTLTCHVKQPATSAQDIGPIYWYRGPYILT
PFVAHPNDAAIDLQRISMESTLAEKLQSRLRIANAQLLDTGNYTCMPTTAEAASVVVNVINDEHHHHHHHH
;
A,C
2 'polypeptide(L)'
;DLPKFGELLQNVTVPVSREAVLQCVVDNLQTYKIAWLRVDTQTILTIQNHVITKNHRMSITHAEKRAWILRIRDVKESDK
GWYMCQINTDPMKSQVGYLDVVVPPDILDYPTSTDMVIREGSNVTLKCAATGSPTPTITWRREGGELIPLPNGAEAVAYN
GSFLTIAKVNRLNMGAYLCIASNGIPPTVSKRVMLIVHFPPMIWIQNQLVGAALTQNITLECQSEAYPKSINYWMKNDTI
IVPGERFVPETFESGYKITMRLTIYEVDIQDFGAYRCVAKNSLGDTDGAIKLYHIPHHHHHH
;
B,D
#
loop_
_chem_comp.id
_chem_comp.type
_chem_comp.name
_chem_comp.formula
BMA D-saccharide, beta linking beta-D-mannopyranose 'C6 H12 O6'
BU3 non-polymer (R,R)-2,3-BUTANEDIOL 'C4 H10 O2'
FLC non-polymer 'CITRATE ANION' 'C6 H5 O7 -3'
FUC L-saccharide, alpha linking alpha-L-fucopyranose 'C6 H12 O5'
MAN D-saccharide, alpha linking alpha-D-mannopyranose 'C6 H12 O6'
NAG D-saccharide, beta linking 2-acetamido-2-deoxy-beta-D-glucopyranose 'C8 H15 N O6'
PEG non-polymer DI(HYDROXYETHYL)ETHER 'C4 H10 O3'
#
# COMPACT_ATOMS: atom_id res chain seq x y z
N TYR A 3 -11.26 -20.81 5.86
CA TYR A 3 -11.07 -22.24 5.63
C TYR A 3 -9.74 -22.71 6.24
N PRO A 4 -9.70 -23.98 6.64
CA PRO A 4 -8.46 -24.55 7.15
C PRO A 4 -7.75 -25.37 6.09
N PRO A 5 -6.47 -25.11 5.84
CA PRO A 5 -5.73 -25.93 4.88
C PRO A 5 -5.47 -27.30 5.44
N PRO A 6 -5.36 -28.33 4.58
CA PRO A 6 -5.03 -29.66 5.08
C PRO A 6 -3.72 -29.64 5.85
N VAL A 7 -3.68 -30.42 6.93
CA VAL A 7 -2.49 -30.48 7.78
C VAL A 7 -2.30 -31.92 8.23
N PHE A 8 -1.04 -32.30 8.39
CA PHE A 8 -0.71 -33.65 8.81
C PHE A 8 -0.78 -33.78 10.32
N ASP A 9 -1.09 -34.99 10.79
CA ASP A 9 -0.97 -35.35 12.21
C ASP A 9 0.45 -35.89 12.40
N PHE A 10 1.38 -35.00 12.76
CA PHE A 10 2.76 -35.42 12.91
C PHE A 10 3.00 -36.32 14.11
N GLY A 11 1.97 -36.74 14.84
CA GLY A 11 2.14 -37.70 15.91
C GLY A 11 2.08 -39.14 15.50
N MET A 12 1.65 -39.42 14.26
CA MET A 12 1.60 -40.80 13.78
C MET A 12 3.00 -41.41 13.77
N PRO A 13 3.10 -42.72 14.02
CA PRO A 13 4.42 -43.36 13.99
C PRO A 13 5.09 -43.19 12.63
N ARG A 14 6.36 -42.81 12.64
CA ARG A 14 7.10 -42.53 11.42
C ARG A 14 8.20 -43.54 11.13
N ASN A 15 8.34 -44.57 11.95
CA ASN A 15 9.33 -45.63 11.74
C ASN A 15 8.60 -46.96 11.84
N ILE A 16 7.99 -47.39 10.74
CA ILE A 16 7.32 -48.68 10.71
C ILE A 16 8.37 -49.78 10.60
N THR A 17 8.18 -50.84 11.37
CA THR A 17 9.07 -51.99 11.34
C THR A 17 8.23 -53.23 11.13
N THR A 18 8.52 -53.98 10.08
CA THR A 18 7.78 -55.16 9.71
C THR A 18 8.72 -56.35 9.65
N ARG A 19 8.24 -57.49 10.16
CA ARG A 19 8.96 -58.75 9.98
C ARG A 19 8.73 -59.23 8.56
N THR A 20 9.81 -59.61 7.88
CA THR A 20 9.70 -60.07 6.50
C THR A 20 8.63 -61.15 6.40
N GLY A 21 7.78 -61.02 5.38
CA GLY A 21 6.66 -61.90 5.15
C GLY A 21 5.34 -61.36 5.63
N HIS A 22 5.36 -60.52 6.66
CA HIS A 22 4.15 -59.89 7.16
C HIS A 22 3.78 -58.68 6.30
N THR A 23 2.52 -58.26 6.43
CA THR A 23 2.01 -57.10 5.70
C THR A 23 2.38 -55.83 6.47
N ALA A 24 3.17 -54.96 5.83
CA ALA A 24 3.54 -53.70 6.45
C ALA A 24 2.44 -52.67 6.22
N ALA A 25 2.26 -51.78 7.20
CA ALA A 25 1.20 -50.77 7.12
C ALA A 25 1.76 -49.43 7.59
N ILE A 26 1.72 -48.44 6.71
CA ILE A 26 2.16 -47.08 7.01
C ILE A 26 0.91 -46.21 7.00
N ASN A 27 0.48 -45.77 8.17
CA ASN A 27 -0.74 -44.97 8.30
CA ASN A 27 -0.74 -44.97 8.29
C ASN A 27 -0.39 -43.49 8.26
N CYS A 28 -1.14 -42.72 7.49
CA CYS A 28 -0.93 -41.28 7.32
C CYS A 28 -2.27 -40.59 7.51
N ARG A 29 -2.33 -39.65 8.45
CA ARG A 29 -3.57 -38.98 8.81
C ARG A 29 -3.50 -37.51 8.40
N VAL A 30 -4.49 -37.07 7.63
CA VAL A 30 -4.57 -35.69 7.17
C VAL A 30 -5.91 -35.11 7.61
N ASP A 31 -5.87 -34.00 8.35
CA ASP A 31 -7.06 -33.30 8.79
C ASP A 31 -7.39 -32.18 7.81
N ASN A 32 -8.69 -31.96 7.57
CA ASN A 32 -9.15 -30.91 6.68
C ASN A 32 -8.74 -31.18 5.23
N LEU A 33 -8.88 -32.44 4.80
CA LEU A 33 -8.47 -32.79 3.45
C LEU A 33 -9.30 -32.05 2.41
N GLY A 34 -10.61 -31.91 2.65
CA GLY A 34 -11.45 -31.26 1.67
C GLY A 34 -11.54 -32.11 0.41
N ASP A 35 -11.30 -31.47 -0.74
CA ASP A 35 -11.32 -32.14 -2.03
C ASP A 35 -9.92 -32.51 -2.52
N LYS A 36 -8.90 -32.37 -1.67
CA LYS A 36 -7.56 -32.74 -2.04
C LYS A 36 -7.35 -34.24 -1.89
N SER A 37 -6.43 -34.79 -2.69
CA SER A 37 -6.12 -36.21 -2.68
C SER A 37 -4.81 -36.46 -1.94
N VAL A 38 -4.64 -37.73 -1.54
CA VAL A 38 -3.41 -38.18 -0.90
C VAL A 38 -2.73 -39.18 -1.83
N SER A 39 -1.42 -39.01 -2.00
CA SER A 39 -0.65 -39.88 -2.88
C SER A 39 0.46 -40.52 -2.06
N TRP A 40 0.75 -41.78 -2.38
CA TRP A 40 1.88 -42.49 -1.81
C TRP A 40 2.94 -42.66 -2.89
N ILE A 41 4.16 -42.22 -2.60
CA ILE A 41 5.25 -42.24 -3.55
C ILE A 41 6.49 -42.79 -2.87
N ARG A 42 7.31 -43.49 -3.64
CA ARG A 42 8.59 -44.02 -3.15
C ARG A 42 9.67 -42.99 -3.44
N LYS A 43 10.22 -42.39 -2.38
CA LYS A 43 11.17 -41.29 -2.58
C LYS A 43 12.41 -41.74 -3.32
N ARG A 44 12.84 -42.98 -3.10
CA ARG A 44 14.11 -43.46 -3.67
C ARG A 44 14.18 -43.25 -5.18
N ASP A 45 13.10 -43.59 -5.90
CA ASP A 45 13.09 -43.53 -7.35
C ASP A 45 11.89 -42.76 -7.91
N LEU A 46 11.07 -42.14 -7.06
CA LEU A 46 9.88 -41.41 -7.48
C LEU A 46 8.78 -42.32 -8.01
N HIS A 47 8.84 -43.62 -7.74
CA HIS A 47 7.79 -44.52 -8.19
C HIS A 47 6.49 -44.16 -7.50
N ILE A 48 5.50 -43.73 -8.28
CA ILE A 48 4.18 -43.44 -7.72
C ILE A 48 3.52 -44.74 -7.31
N LEU A 49 3.08 -44.81 -6.06
CA LEU A 49 2.42 -46.02 -5.58
C LEU A 49 0.91 -45.92 -5.71
N THR A 50 0.31 -44.88 -5.14
CA THR A 50 -1.12 -44.69 -5.20
C THR A 50 -1.43 -43.21 -5.29
N ALA A 51 -2.43 -42.86 -6.09
CA ALA A 51 -2.92 -41.49 -6.20
C ALA A 51 -4.40 -41.51 -5.83
N GLY A 52 -4.72 -41.01 -4.65
CA GLY A 52 -6.09 -41.14 -4.17
C GLY A 52 -6.36 -42.59 -3.85
N ILE A 53 -7.52 -43.09 -4.27
CA ILE A 53 -7.81 -44.52 -4.12
C ILE A 53 -7.32 -45.32 -5.32
N LEU A 54 -6.95 -44.65 -6.42
CA LEU A 54 -6.40 -45.33 -7.58
C LEU A 54 -4.99 -45.82 -7.28
N THR A 55 -4.71 -47.08 -7.64
CA THR A 55 -3.39 -47.65 -7.48
C THR A 55 -2.65 -47.52 -8.81
N TYR A 56 -1.51 -46.83 -8.80
CA TYR A 56 -0.74 -46.63 -10.01
C TYR A 56 0.27 -47.75 -10.22
N THR A 57 1.06 -48.04 -9.18
CA THR A 57 2.06 -49.09 -9.30
C THR A 57 1.40 -50.38 -9.74
N SER A 58 2.20 -51.25 -10.36
CA SER A 58 1.73 -52.54 -10.83
C SER A 58 2.29 -53.69 -10.01
N ASP A 59 3.11 -53.41 -9.00
CA ASP A 59 3.52 -54.42 -8.04
C ASP A 59 2.31 -54.82 -7.21
N GLU A 60 1.91 -56.09 -7.32
CA GLU A 60 0.63 -56.54 -6.75
C GLU A 60 0.59 -56.41 -5.23
N ARG A 61 1.73 -56.22 -4.58
CA ARG A 61 1.77 -56.21 -3.14
C ARG A 61 1.43 -54.85 -2.54
N PHE A 62 1.22 -53.82 -3.35
CA PHE A 62 1.03 -52.45 -2.88
C PHE A 62 -0.43 -52.06 -3.07
N LYS A 63 -1.08 -51.63 -1.99
CA LYS A 63 -2.44 -51.13 -2.03
C LYS A 63 -2.60 -50.07 -0.96
N VAL A 64 -3.49 -49.13 -1.23
CA VAL A 64 -3.81 -48.08 -0.27
C VAL A 64 -5.24 -48.27 0.18
N VAL A 65 -5.51 -47.94 1.43
CA VAL A 65 -6.84 -48.02 2.01
C VAL A 65 -7.10 -46.74 2.78
N ARG A 66 -8.32 -46.22 2.68
CA ARG A 66 -8.72 -45.02 3.40
C ARG A 66 -9.96 -45.31 4.22
N THR A 67 -10.09 -44.59 5.34
CA THR A 67 -11.27 -44.73 6.16
C THR A 67 -12.46 -44.06 5.47
N ALA A 68 -13.66 -44.37 5.97
CA ALA A 68 -14.86 -43.80 5.37
C ALA A 68 -14.81 -42.27 5.33
N ASP A 69 -14.26 -41.65 6.38
CA ASP A 69 -14.19 -40.19 6.44
C ASP A 69 -12.97 -39.64 5.72
N SER A 70 -12.16 -40.48 5.09
CA SER A 70 -11.01 -40.03 4.31
C SER A 70 -10.00 -39.24 5.15
N LYS A 71 -9.95 -39.53 6.45
CA LYS A 71 -8.93 -38.91 7.29
C LYS A 71 -7.64 -39.72 7.32
N ASP A 72 -7.74 -41.05 7.37
CA ASP A 72 -6.60 -41.93 7.58
C ASP A 72 -6.32 -42.73 6.32
N TRP A 73 -5.17 -42.48 5.70
CA TRP A 73 -4.72 -43.20 4.52
C TRP A 73 -3.57 -44.12 4.89
N THR A 74 -3.69 -45.39 4.53
CA THR A 74 -2.73 -46.40 4.94
C THR A 74 -2.19 -47.12 3.72
N LEU A 75 -0.87 -47.23 3.65
CA LEU A 75 -0.19 -47.96 2.59
C LEU A 75 0.16 -49.34 3.12
N HIS A 76 -0.35 -50.37 2.46
CA HIS A 76 -0.13 -51.76 2.85
C HIS A 76 0.83 -52.41 1.86
N VAL A 77 1.84 -53.10 2.38
CA VAL A 77 2.80 -53.85 1.56
C VAL A 77 2.68 -55.31 1.96
N LYS A 78 2.00 -56.09 1.12
CA LYS A 78 1.86 -57.52 1.38
C LYS A 78 3.19 -58.24 1.24
N TYR A 79 3.41 -59.24 2.07
CA TYR A 79 4.60 -60.10 1.98
C TYR A 79 5.87 -59.27 1.88
N ALA A 80 5.98 -58.28 2.78
CA ALA A 80 7.10 -57.35 2.76
C ALA A 80 8.43 -58.09 2.75
N GLN A 81 9.38 -57.51 2.04
CA GLN A 81 10.72 -58.04 1.88
CA GLN A 81 10.73 -58.04 1.91
C GLN A 81 11.72 -56.92 2.16
N PRO A 82 12.95 -57.26 2.55
CA PRO A 82 13.95 -56.22 2.83
C PRO A 82 14.09 -55.19 1.71
N ARG A 83 14.08 -55.62 0.45
CA ARG A 83 14.20 -54.68 -0.66
C ARG A 83 13.14 -53.59 -0.63
N ASP A 84 12.09 -53.74 0.18
CA ASP A 84 11.06 -52.74 0.35
C ASP A 84 11.41 -51.69 1.39
N SER A 85 12.48 -51.89 2.15
CA SER A 85 12.88 -50.91 3.15
C SER A 85 13.27 -49.61 2.47
N GLY A 86 12.88 -48.50 3.08
CA GLY A 86 13.17 -47.20 2.53
C GLY A 86 12.17 -46.18 3.03
N ILE A 87 12.21 -45.01 2.38
CA ILE A 87 11.37 -43.87 2.75
C ILE A 87 10.21 -43.79 1.78
N TYR A 88 9.00 -43.70 2.31
CA TYR A 88 7.80 -43.51 1.53
C TYR A 88 7.14 -42.19 1.94
N GLU A 89 6.66 -41.44 0.95
CA GLU A 89 6.14 -40.09 1.15
C GLU A 89 4.63 -40.10 1.02
N CYS A 90 3.96 -39.61 2.07
CA CYS A 90 2.53 -39.32 2.01
C CYS A 90 2.36 -37.90 1.47
N GLN A 91 1.50 -37.74 0.47
CA GLN A 91 1.52 -36.53 -0.33
C GLN A 91 0.11 -36.02 -0.59
N VAL A 92 -0.13 -34.75 -0.28
CA VAL A 92 -1.42 -34.09 -0.51
C VAL A 92 -1.24 -33.10 -1.65
N ASN A 93 -2.18 -33.10 -2.59
CA ASN A 93 -1.99 -32.42 -3.87
C ASN A 93 -2.30 -30.94 -3.79
N THR A 94 -1.98 -30.31 -2.67
CA THR A 94 -2.09 -28.87 -2.58
C THR A 94 -0.99 -28.22 -3.43
N GLU A 95 -1.04 -26.89 -3.53
CA GLU A 95 0.00 -26.16 -4.24
C GLU A 95 0.48 -24.96 -3.43
N PRO A 96 1.75 -25.00 -3.00
CA PRO A 96 2.64 -26.15 -3.20
C PRO A 96 2.18 -27.38 -2.45
N LYS A 97 2.72 -28.55 -2.81
CA LYS A 97 2.28 -29.80 -2.21
C LYS A 97 2.98 -30.02 -0.87
N ILE A 98 2.20 -30.40 0.14
CA ILE A 98 2.75 -30.81 1.42
C ILE A 98 3.00 -32.30 1.38
N SER A 99 3.80 -32.78 2.33
CA SER A 99 4.11 -34.21 2.36
C SER A 99 4.79 -34.56 3.68
N MET A 100 4.54 -35.78 4.13
CA MET A 100 5.23 -36.37 5.26
C MET A 100 5.99 -37.60 4.81
N ALA A 101 7.11 -37.89 5.46
CA ALA A 101 8.00 -38.97 5.07
C ALA A 101 8.02 -40.04 6.15
N PHE A 102 7.65 -41.26 5.78
CA PHE A 102 7.73 -42.40 6.66
C PHE A 102 8.83 -43.34 6.18
N ARG A 103 9.48 -44.02 7.14
CA ARG A 103 10.54 -44.97 6.85
C ARG A 103 10.05 -46.38 7.15
N LEU A 104 10.12 -47.25 6.15
CA LEU A 104 9.80 -48.66 6.33
C LEU A 104 11.09 -49.45 6.50
N ASN A 105 11.16 -50.24 7.56
CA ASN A 105 12.31 -51.07 7.86
C ASN A 105 11.81 -52.50 7.99
N VAL A 106 12.15 -53.34 7.03
CA VAL A 106 11.68 -54.73 7.00
C VAL A 106 12.82 -55.60 7.54
N ILE A 107 12.71 -56.02 8.79
CA ILE A 107 13.75 -56.81 9.43
C ILE A 107 13.54 -58.29 9.10
N VAL A 108 14.57 -59.10 9.33
CA VAL A 108 14.56 -60.51 8.93
C VAL A 108 14.92 -61.44 10.06
N THR A 109 15.13 -60.94 11.27
CA THR A 109 15.50 -61.79 12.40
C THR A 109 14.51 -61.65 13.55
N PRO A 110 14.09 -62.79 14.13
CA PRO A 110 14.46 -64.14 13.69
C PRO A 110 13.56 -64.66 12.57
N PRO A 111 13.90 -65.83 12.03
CA PRO A 111 13.10 -66.38 10.93
C PRO A 111 11.69 -66.71 11.39
N ASP A 112 10.81 -66.87 10.40
CA ASP A 112 9.42 -67.21 10.67
C ASP A 112 9.32 -68.50 11.50
N ALA A 113 8.61 -68.42 12.62
CA ALA A 113 8.34 -69.57 13.47
C ALA A 113 6.84 -69.72 13.64
N LYS A 114 6.37 -70.97 13.58
CA LYS A 114 4.94 -71.26 13.61
C LYS A 114 4.71 -72.50 14.46
N ALA A 115 3.82 -72.39 15.45
CA ALA A 115 3.48 -73.55 16.25
C ALA A 115 2.56 -74.48 15.47
N ILE A 116 2.72 -75.78 15.71
CA ILE A 116 1.93 -76.81 15.07
C ILE A 116 1.45 -77.79 16.12
N ILE A 117 0.19 -78.22 16.02
CA ILE A 117 -0.39 -79.18 16.93
C ILE A 117 -0.73 -80.43 16.12
N ALA A 118 0.05 -81.49 16.32
CA ALA A 118 -0.17 -82.72 15.59
C ALA A 118 -1.59 -83.23 15.83
N GLY A 119 -2.23 -83.70 14.76
CA GLY A 119 -3.57 -84.23 14.86
C GLY A 119 -4.59 -83.35 14.19
N PRO A 120 -5.82 -83.84 14.10
CA PRO A 120 -6.90 -83.04 13.52
C PRO A 120 -7.11 -81.74 14.28
N THR A 121 -7.75 -80.78 13.60
CA THR A 121 -7.95 -79.47 14.22
C THR A 121 -9.11 -79.47 15.19
N ASP A 122 -10.12 -80.30 14.96
CA ASP A 122 -11.29 -80.39 15.82
C ASP A 122 -11.40 -81.82 16.32
N LEU A 123 -11.15 -82.02 17.61
CA LEU A 123 -11.25 -83.32 18.24
C LEU A 123 -12.62 -83.51 18.88
N TYR A 124 -12.98 -84.77 19.08
CA TYR A 124 -14.21 -85.13 19.79
C TYR A 124 -13.90 -86.30 20.70
N VAL A 125 -14.06 -86.10 22.00
CA VAL A 125 -13.71 -87.11 22.99
C VAL A 125 -14.90 -87.29 23.94
N LYS A 126 -15.11 -88.53 24.39
CA LYS A 126 -16.19 -88.82 25.30
C LYS A 126 -15.82 -88.43 26.72
N VAL A 127 -16.85 -88.18 27.54
CA VAL A 127 -16.61 -87.86 28.95
C VAL A 127 -15.89 -89.02 29.62
N GLY A 128 -14.89 -88.69 30.44
CA GLY A 128 -14.09 -89.69 31.10
C GLY A 128 -12.85 -90.11 30.33
N SER A 129 -12.83 -89.94 29.01
CA SER A 129 -11.64 -90.22 28.23
C SER A 129 -10.53 -89.21 28.55
N SER A 130 -9.34 -89.47 28.01
CA SER A 130 -8.22 -88.57 28.16
C SER A 130 -7.89 -87.92 26.83
N VAL A 131 -7.29 -86.74 26.88
CA VAL A 131 -6.91 -85.98 25.71
C VAL A 131 -5.47 -85.53 25.87
N THR A 132 -4.69 -85.67 24.80
CA THR A 132 -3.32 -85.15 24.78
C THR A 132 -3.12 -84.36 23.51
N LEU A 133 -2.59 -83.15 23.64
CA LEU A 133 -2.28 -82.27 22.53
C LEU A 133 -0.78 -82.02 22.54
N THR A 134 -0.11 -82.34 21.44
CA THR A 134 1.33 -82.14 21.32
C THR A 134 1.57 -80.97 20.39
N CYS A 135 2.28 -79.96 20.89
CA CYS A 135 2.57 -78.75 20.16
C CYS A 135 4.08 -78.63 19.95
N HIS A 136 4.48 -78.20 18.75
CA HIS A 136 5.89 -77.96 18.49
C HIS A 136 6.04 -76.76 17.56
N VAL A 137 7.20 -76.13 17.62
CA VAL A 137 7.49 -74.93 16.86
C VAL A 137 8.36 -75.29 15.66
N LYS A 138 7.82 -75.06 14.46
CA LYS A 138 8.54 -75.29 13.22
C LYS A 138 9.35 -74.03 12.91
N GLN A 139 10.67 -74.14 12.96
CA GLN A 139 11.55 -73.00 12.72
C GLN A 139 12.83 -73.50 12.07
N PRO A 140 13.57 -72.61 11.39
CA PRO A 140 14.85 -73.02 10.79
C PRO A 140 15.80 -73.58 11.82
N ALA A 141 16.91 -74.15 11.32
CA ALA A 141 17.86 -74.85 12.18
C ALA A 141 18.32 -73.99 13.34
N THR A 142 18.71 -72.75 13.06
CA THR A 142 19.29 -71.89 14.07
C THR A 142 18.22 -71.52 15.11
N SER A 143 18.33 -72.13 16.30
CA SER A 143 17.53 -71.75 17.45
C SER A 143 18.36 -70.99 18.47
N ALA A 144 19.49 -71.54 18.88
CA ALA A 144 20.47 -70.86 19.74
C ALA A 144 19.76 -70.45 21.03
N GLN A 145 19.94 -69.22 21.51
CA GLN A 145 19.37 -68.76 22.78
C GLN A 145 18.02 -68.08 22.60
N ASP A 146 17.36 -68.29 21.47
CA ASP A 146 16.03 -67.73 21.22
C ASP A 146 14.95 -68.76 21.50
N ILE A 147 14.96 -69.26 22.73
CA ILE A 147 13.97 -70.20 23.23
C ILE A 147 13.18 -69.54 24.35
N GLY A 148 11.86 -69.60 24.25
CA GLY A 148 11.02 -68.98 25.24
C GLY A 148 9.91 -69.90 25.70
N PRO A 149 9.28 -69.56 26.82
CA PRO A 149 8.23 -70.42 27.36
C PRO A 149 7.10 -70.60 26.36
N ILE A 150 6.39 -71.73 26.50
CA ILE A 150 5.16 -71.99 25.76
C ILE A 150 4.02 -72.13 26.75
N TYR A 151 2.97 -71.35 26.56
CA TYR A 151 1.79 -71.38 27.41
C TYR A 151 0.62 -72.00 26.66
N TRP A 152 -0.40 -72.37 27.42
CA TRP A 152 -1.64 -72.89 26.86
C TRP A 152 -2.83 -72.04 27.33
N TYR A 153 -3.90 -72.10 26.55
CA TYR A 153 -5.11 -71.35 26.84
C TYR A 153 -6.32 -72.19 26.46
N ARG A 154 -7.35 -72.15 27.30
CA ARG A 154 -8.69 -72.52 26.88
C ARG A 154 -9.47 -71.23 26.69
N GLY A 155 -9.90 -70.97 25.46
CA GLY A 155 -10.44 -69.68 25.12
C GLY A 155 -9.50 -68.58 25.55
N PRO A 156 -10.04 -67.55 26.22
CA PRO A 156 -9.19 -66.44 26.68
C PRO A 156 -8.54 -66.69 28.03
N TYR A 157 -8.75 -67.84 28.66
CA TYR A 157 -8.24 -68.11 30.00
C TYR A 157 -6.95 -68.93 29.90
N ILE A 158 -5.87 -68.39 30.48
CA ILE A 158 -4.60 -69.10 30.47
C ILE A 158 -4.67 -70.29 31.42
N LEU A 159 -3.97 -71.37 31.05
CA LEU A 159 -3.93 -72.58 31.86
C LEU A 159 -2.63 -72.76 32.61
N THR A 160 -1.55 -72.16 32.14
CA THR A 160 -0.26 -72.33 32.81
C THR A 160 -0.32 -71.70 34.19
N PRO A 161 -0.05 -72.45 35.26
CA PRO A 161 -0.15 -71.89 36.60
C PRO A 161 1.02 -71.00 36.96
N PHE A 162 0.76 -70.06 37.86
CA PHE A 162 1.78 -69.19 38.45
C PHE A 162 2.39 -68.23 37.43
N VAL A 163 1.64 -67.87 36.39
CA VAL A 163 2.08 -66.95 35.35
C VAL A 163 1.22 -65.70 35.30
N ALA A 164 -0.10 -65.87 35.24
CA ALA A 164 -1.03 -64.74 35.25
C ALA A 164 -1.46 -64.51 36.70
N HIS A 165 -0.89 -63.49 37.32
CA HIS A 165 -1.25 -63.14 38.69
C HIS A 165 -1.57 -61.65 38.80
N PRO A 166 -2.77 -61.34 39.32
CA PRO A 166 -3.76 -62.37 39.66
C PRO A 166 -4.76 -62.64 38.54
N ASN A 167 -5.21 -63.89 38.43
CA ASN A 167 -6.24 -64.27 37.49
C ASN A 167 -7.38 -64.92 38.28
N ASP A 168 -8.46 -64.18 38.48
CA ASP A 168 -9.64 -64.73 39.15
C ASP A 168 -10.37 -65.75 38.29
N ALA A 169 -10.01 -65.89 37.02
CA ALA A 169 -10.61 -66.87 36.12
C ALA A 169 -9.72 -68.09 35.92
N ALA A 170 -8.91 -68.43 36.91
CA ALA A 170 -8.04 -69.59 36.78
C ALA A 170 -8.85 -70.87 36.73
N ILE A 171 -8.39 -71.81 35.89
CA ILE A 171 -9.07 -73.09 35.70
C ILE A 171 -8.42 -74.13 36.60
N ASP A 172 -9.23 -75.01 37.17
CA ASP A 172 -8.73 -76.02 38.09
C ASP A 172 -7.81 -76.99 37.36
N LEU A 173 -6.54 -77.04 37.79
CA LEU A 173 -5.52 -77.85 37.13
C LEU A 173 -5.38 -79.24 37.74
N GLN A 174 -6.44 -79.77 38.37
CA GLN A 174 -6.31 -81.10 38.96
C GLN A 174 -6.29 -82.18 37.89
N ARG A 175 -6.92 -81.93 36.74
CA ARG A 175 -6.97 -82.89 35.65
C ARG A 175 -6.11 -82.50 34.46
N ILE A 176 -5.52 -81.31 34.47
CA ILE A 176 -4.83 -80.76 33.31
C ILE A 176 -3.37 -80.56 33.68
N SER A 177 -2.47 -81.25 32.98
CA SER A 177 -1.04 -81.10 33.16
C SER A 177 -0.39 -80.61 31.87
N MET A 178 0.77 -79.97 32.04
CA MET A 178 1.54 -79.44 30.93
C MET A 178 3.01 -79.73 31.16
N GLU A 179 3.71 -80.09 30.08
CA GLU A 179 5.12 -80.43 30.14
C GLU A 179 5.81 -79.86 28.92
N SER A 180 6.83 -79.04 29.13
CA SER A 180 7.56 -78.39 28.05
C SER A 180 9.00 -78.90 28.06
N THR A 181 9.37 -79.65 27.03
CA THR A 181 10.71 -80.18 26.87
C THR A 181 11.34 -79.63 25.59
N LEU A 182 12.65 -79.47 25.61
CA LEU A 182 13.39 -78.96 24.46
C LEU A 182 14.34 -80.05 23.97
N ALA A 183 13.76 -81.10 23.36
CA ALA A 183 14.54 -82.19 22.78
C ALA A 183 14.80 -81.86 21.32
N GLU A 184 15.86 -81.06 21.10
CA GLU A 184 16.20 -80.55 19.78
C GLU A 184 15.14 -79.56 19.30
N LYS A 185 13.89 -80.01 19.21
CA LYS A 185 12.79 -79.16 18.77
C LYS A 185 11.96 -78.73 19.97
N LEU A 186 11.63 -77.44 20.03
CA LEU A 186 10.88 -76.90 21.15
C LEU A 186 9.45 -77.43 21.13
N GLN A 187 9.02 -78.02 22.26
CA GLN A 187 7.78 -78.76 22.31
C GLN A 187 7.08 -78.54 23.64
N SER A 188 5.76 -78.70 23.63
CA SER A 188 4.93 -78.57 24.82
C SER A 188 3.72 -79.49 24.67
N ARG A 189 3.40 -80.23 25.73
CA ARG A 189 2.36 -81.24 25.70
C ARG A 189 1.33 -80.95 26.78
N LEU A 190 0.06 -80.90 26.39
CA LEU A 190 -1.05 -80.67 27.31
C LEU A 190 -1.87 -81.94 27.44
N ARG A 191 -2.12 -82.37 28.67
CA ARG A 191 -2.93 -83.56 28.94
C ARG A 191 -4.12 -83.18 29.81
N ILE A 192 -5.31 -83.60 29.40
CA ILE A 192 -6.51 -83.47 30.20
C ILE A 192 -6.89 -84.88 30.63
N ALA A 193 -6.84 -85.13 31.93
CA ALA A 193 -7.25 -86.41 32.49
C ALA A 193 -8.73 -86.36 32.83
N ASN A 194 -9.45 -87.45 32.51
CA ASN A 194 -10.87 -87.58 32.84
C ASN A 194 -11.66 -86.38 32.29
N ALA A 195 -11.79 -86.39 30.96
CA ALA A 195 -12.44 -85.29 30.25
C ALA A 195 -13.83 -85.03 30.83
N GLN A 196 -14.17 -83.74 30.90
CA GLN A 196 -15.46 -83.30 31.42
C GLN A 196 -16.09 -82.33 30.43
N LEU A 197 -17.42 -82.26 30.45
CA LEU A 197 -18.12 -81.40 29.51
C LEU A 197 -17.60 -79.97 29.57
N LEU A 198 -17.27 -79.48 30.76
CA LEU A 198 -16.78 -78.10 30.88
C LEU A 198 -15.37 -77.94 30.34
N ASP A 199 -14.68 -79.03 30.01
CA ASP A 199 -13.37 -78.93 29.37
C ASP A 199 -13.46 -78.54 27.91
N THR A 200 -14.62 -78.72 27.28
CA THR A 200 -14.81 -78.32 25.90
C THR A 200 -14.41 -76.86 25.70
N GLY A 201 -13.69 -76.61 24.60
CA GLY A 201 -13.25 -75.25 24.32
C GLY A 201 -12.23 -75.23 23.20
N ASN A 202 -11.66 -74.04 23.01
CA ASN A 202 -10.70 -73.77 21.95
C ASN A 202 -9.32 -73.62 22.59
N TYR A 203 -8.58 -74.73 22.60
CA TYR A 203 -7.26 -74.78 23.22
C TYR A 203 -6.22 -74.20 22.29
N THR A 204 -5.40 -73.29 22.80
CA THR A 204 -4.41 -72.58 22.02
C THR A 204 -3.01 -72.82 22.58
N CYS A 205 -2.08 -73.16 21.69
CA CYS A 205 -0.67 -73.27 22.05
C CYS A 205 -0.05 -71.90 21.78
N MET A 206 0.39 -71.23 22.85
CA MET A 206 0.81 -69.83 22.78
C MET A 206 2.30 -69.73 23.10
N PRO A 207 3.17 -69.73 22.11
CA PRO A 207 4.60 -69.54 22.37
C PRO A 207 4.94 -68.06 22.53
N THR A 208 6.16 -67.81 23.02
CA THR A 208 6.72 -66.47 23.09
C THR A 208 7.82 -66.25 22.06
N THR A 209 8.03 -67.22 21.17
CA THR A 209 9.02 -67.10 20.11
C THR A 209 8.48 -67.56 18.77
N ALA A 210 7.18 -67.85 18.69
CA ALA A 210 6.59 -68.34 17.46
C ALA A 210 5.10 -68.03 17.47
N GLU A 211 4.54 -67.91 16.27
CA GLU A 211 3.10 -67.70 16.11
C GLU A 211 2.31 -68.85 16.72
N ALA A 212 1.13 -68.54 17.24
CA ALA A 212 0.36 -69.52 17.97
C ALA A 212 -0.43 -70.43 17.03
N ALA A 213 -0.87 -71.56 17.57
CA ALA A 213 -1.76 -72.49 16.90
C ALA A 213 -2.81 -72.96 17.90
N SER A 214 -3.89 -73.53 17.37
CA SER A 214 -5.04 -73.89 18.21
C SER A 214 -5.69 -75.17 17.72
N VAL A 215 -6.29 -75.88 18.66
CA VAL A 215 -7.14 -77.04 18.38
C VAL A 215 -8.43 -76.85 19.17
N VAL A 216 -9.55 -77.19 18.56
CA VAL A 216 -10.84 -77.17 19.24
C VAL A 216 -11.11 -78.56 19.80
N VAL A 217 -11.30 -78.65 21.11
CA VAL A 217 -11.54 -79.90 21.81
C VAL A 217 -13.01 -79.94 22.22
N ASN A 218 -13.71 -81.00 21.80
CA ASN A 218 -15.12 -81.18 22.13
C ASN A 218 -15.27 -82.42 23.00
N VAL A 219 -15.79 -82.24 24.20
CA VAL A 219 -16.12 -83.35 25.09
C VAL A 219 -17.62 -83.58 24.99
N ILE A 220 -18.03 -84.84 24.81
CA ILE A 220 -19.43 -85.18 24.57
C ILE A 220 -19.84 -86.32 25.50
N ASN A 221 -21.14 -86.58 25.53
CA ASN A 221 -21.71 -87.62 26.37
C ASN A 221 -21.59 -88.99 25.72
N ASP A 222 -21.94 -90.02 26.49
CA ASP A 222 -21.85 -91.41 26.06
C ASP A 222 -20.40 -91.89 26.06
N ASP B 1 7.80 -57.38 -24.49
CA ASP B 1 6.88 -56.49 -25.18
C ASP B 1 6.21 -55.50 -24.23
N LEU B 2 6.99 -54.96 -23.31
CA LEU B 2 6.52 -53.89 -22.44
C LEU B 2 6.54 -52.56 -23.18
N PRO B 3 5.83 -51.56 -22.67
CA PRO B 3 5.91 -50.22 -23.27
C PRO B 3 7.35 -49.72 -23.31
N LYS B 4 7.67 -48.97 -24.35
CA LYS B 4 8.99 -48.36 -24.51
C LYS B 4 8.83 -46.88 -24.84
N PHE B 5 9.86 -46.11 -24.50
CA PHE B 5 9.87 -44.68 -24.79
C PHE B 5 10.29 -44.49 -26.24
N GLY B 6 9.43 -43.85 -27.03
CA GLY B 6 9.72 -43.69 -28.44
C GLY B 6 10.94 -42.83 -28.69
N GLU B 7 11.29 -41.97 -27.74
CA GLU B 7 12.42 -41.07 -27.89
C GLU B 7 12.62 -40.35 -26.57
N LEU B 8 13.72 -39.60 -26.48
CA LEU B 8 14.04 -38.93 -25.24
C LEU B 8 12.93 -37.96 -24.85
N LEU B 9 12.93 -37.59 -23.57
CA LEU B 9 12.06 -36.51 -23.09
C LEU B 9 12.68 -35.20 -23.54
N GLN B 10 12.13 -34.63 -24.61
CA GLN B 10 12.76 -33.49 -25.26
C GLN B 10 12.92 -32.32 -24.30
N ASN B 11 14.16 -31.84 -24.18
CA ASN B 11 14.42 -30.59 -23.48
C ASN B 11 13.62 -29.45 -24.11
N VAL B 12 13.17 -28.52 -23.28
CA VAL B 12 12.35 -27.41 -23.74
C VAL B 12 12.82 -26.13 -23.07
N THR B 13 13.06 -25.10 -23.87
CA THR B 13 13.39 -23.76 -23.40
C THR B 13 12.22 -22.83 -23.69
N VAL B 14 11.92 -21.95 -22.74
CA VAL B 14 10.77 -21.07 -22.87
C VAL B 14 11.00 -19.79 -22.08
N PRO B 15 10.68 -18.63 -22.64
CA PRO B 15 10.77 -17.38 -21.86
C PRO B 15 9.61 -17.24 -20.88
N VAL B 16 9.91 -16.56 -19.76
CA VAL B 16 8.94 -16.36 -18.68
C VAL B 16 7.60 -15.86 -19.21
N SER B 17 6.52 -16.28 -18.58
CA SER B 17 5.15 -15.82 -18.87
C SER B 17 4.59 -16.42 -20.15
N ARG B 18 5.29 -17.34 -20.80
CA ARG B 18 4.76 -18.03 -21.97
C ARG B 18 4.30 -19.43 -21.57
N GLU B 19 3.96 -20.24 -22.57
CA GLU B 19 3.43 -21.58 -22.34
C GLU B 19 4.53 -22.61 -22.54
N ALA B 20 4.81 -23.39 -21.50
CA ALA B 20 5.75 -24.50 -21.61
C ALA B 20 5.01 -25.72 -22.14
N VAL B 21 5.70 -26.48 -22.99
CA VAL B 21 5.08 -27.66 -23.60
C VAL B 21 6.07 -28.80 -23.63
N LEU B 22 6.00 -29.67 -22.61
CA LEU B 22 6.81 -30.87 -22.58
C LEU B 22 6.02 -32.03 -23.16
N GLN B 23 6.72 -32.94 -23.85
CA GLN B 23 6.07 -34.00 -24.59
C GLN B 23 6.80 -35.31 -24.34
N CYS B 24 6.04 -36.34 -23.96
CA CYS B 24 6.57 -37.67 -23.67
C CYS B 24 5.98 -38.67 -24.64
N VAL B 25 6.84 -39.46 -25.28
CA VAL B 25 6.44 -40.38 -26.33
C VAL B 25 6.60 -41.81 -25.83
N VAL B 26 5.51 -42.58 -25.89
CA VAL B 26 5.50 -43.96 -25.42
C VAL B 26 4.94 -44.84 -26.54
N ASP B 27 5.63 -45.95 -26.81
CA ASP B 27 5.19 -46.91 -27.80
C ASP B 27 4.61 -48.14 -27.12
N ASN B 28 3.47 -48.62 -27.65
CA ASN B 28 2.87 -49.87 -27.17
C ASN B 28 2.45 -49.75 -25.71
N LEU B 29 1.80 -48.64 -25.38
CA LEU B 29 1.42 -48.39 -23.99
C LEU B 29 0.52 -49.50 -23.45
N GLN B 30 -0.34 -50.05 -24.30
CA GLN B 30 -1.23 -51.14 -23.90
C GLN B 30 -2.13 -50.63 -22.76
N THR B 31 -2.35 -51.42 -21.71
CA THR B 31 -3.19 -51.02 -20.59
C THR B 31 -2.43 -50.23 -19.53
N TYR B 32 -1.13 -50.01 -19.71
CA TYR B 32 -0.33 -49.27 -18.74
C TYR B 32 -0.71 -47.79 -18.73
N LYS B 33 -0.27 -47.09 -17.69
CA LYS B 33 -0.65 -45.71 -17.43
C LYS B 33 0.59 -44.82 -17.35
N ILE B 34 0.50 -43.64 -17.98
CA ILE B 34 1.61 -42.68 -18.06
C ILE B 34 1.41 -41.61 -17.01
N ALA B 35 2.51 -41.19 -16.37
CA ALA B 35 2.44 -40.22 -15.30
C ALA B 35 3.55 -39.18 -15.43
N TRP B 36 3.18 -37.91 -15.28
CA TRP B 36 4.13 -36.80 -15.24
C TRP B 36 4.39 -36.40 -13.80
N LEU B 37 5.56 -35.83 -13.55
CA LEU B 37 5.79 -35.27 -12.22
C LEU B 37 7.07 -34.43 -12.24
N ARG B 38 7.14 -33.49 -11.30
CA ARG B 38 8.26 -32.59 -11.13
C ARG B 38 9.28 -33.25 -10.20
N VAL B 39 10.55 -33.24 -10.60
CA VAL B 39 11.53 -34.10 -9.96
C VAL B 39 12.05 -33.47 -8.67
N ASP B 40 12.44 -32.19 -8.72
CA ASP B 40 13.10 -31.57 -7.57
C ASP B 40 12.26 -31.67 -6.31
N THR B 41 10.96 -31.42 -6.43
CA THR B 41 10.07 -31.48 -5.27
C THR B 41 9.36 -32.83 -5.15
N GLN B 42 9.52 -33.72 -6.13
CA GLN B 42 8.84 -35.01 -6.15
C GLN B 42 7.31 -34.81 -6.06
N THR B 43 6.80 -34.04 -7.00
CA THR B 43 5.39 -33.66 -7.04
C THR B 43 4.71 -34.39 -8.17
N ILE B 44 3.71 -35.22 -7.84
CA ILE B 44 2.93 -35.88 -8.88
C ILE B 44 2.15 -34.81 -9.64
N LEU B 45 2.30 -34.81 -10.96
CA LEU B 45 1.61 -33.85 -11.82
C LEU B 45 0.34 -34.42 -12.42
N THR B 46 0.45 -35.47 -13.23
CA THR B 46 -0.71 -36.05 -13.88
C THR B 46 -0.53 -37.56 -13.98
N ILE B 47 -1.66 -38.26 -14.07
CA ILE B 47 -1.71 -39.70 -14.30
C ILE B 47 -2.75 -39.94 -15.36
N GLN B 48 -2.37 -40.66 -16.43
CA GLN B 48 -3.22 -40.76 -17.61
C GLN B 48 -3.72 -39.37 -18.00
N ASN B 49 -5.03 -39.19 -18.00
CA ASN B 49 -5.64 -37.92 -18.38
C ASN B 49 -6.04 -37.06 -17.20
N HIS B 50 -5.84 -37.53 -15.97
CA HIS B 50 -6.20 -36.78 -14.80
C HIS B 50 -5.02 -35.92 -14.33
N VAL B 51 -5.31 -34.70 -13.93
CA VAL B 51 -4.32 -33.83 -13.32
C VAL B 51 -4.42 -33.98 -11.79
N ILE B 52 -3.36 -34.50 -11.18
CA ILE B 52 -3.37 -34.67 -9.74
C ILE B 52 -3.09 -33.34 -9.03
N THR B 53 -2.25 -32.50 -9.61
CA THR B 53 -1.90 -31.25 -8.97
C THR B 53 -3.05 -30.25 -9.06
N LYS B 54 -3.25 -29.48 -8.00
CA LYS B 54 -4.22 -28.39 -8.01
C LYS B 54 -3.64 -27.11 -8.61
N ASN B 55 -2.56 -27.24 -9.38
CA ASN B 55 -1.93 -26.10 -10.06
C ASN B 55 -2.70 -25.84 -11.35
N HIS B 56 -3.55 -24.81 -11.35
CA HIS B 56 -4.43 -24.54 -12.47
C HIS B 56 -3.67 -24.28 -13.77
N ARG B 57 -2.36 -24.05 -13.72
CA ARG B 57 -1.60 -23.74 -14.92
C ARG B 57 -1.18 -24.97 -15.70
N MET B 58 -1.41 -26.18 -15.19
CA MET B 58 -0.97 -27.39 -15.83
C MET B 58 -2.14 -28.16 -16.42
N SER B 59 -1.92 -28.71 -17.61
CA SER B 59 -2.92 -29.52 -18.30
C SER B 59 -2.21 -30.63 -19.05
N ILE B 60 -2.95 -31.68 -19.36
CA ILE B 60 -2.41 -32.84 -20.07
C ILE B 60 -3.34 -33.16 -21.24
N THR B 61 -2.74 -33.35 -22.41
CA THR B 61 -3.49 -33.67 -23.62
C THR B 61 -2.86 -34.87 -24.31
N HIS B 62 -3.70 -35.65 -24.97
CA HIS B 62 -3.29 -36.92 -25.57
C HIS B 62 -3.95 -37.05 -26.95
N ALA B 63 -3.71 -36.07 -27.82
CA ALA B 63 -4.27 -36.08 -29.16
C ALA B 63 -3.74 -37.27 -29.94
N GLU B 64 -2.45 -37.25 -30.26
CA GLU B 64 -1.82 -38.38 -30.92
C GLU B 64 -1.68 -39.54 -29.95
N LYS B 65 -1.80 -40.77 -30.47
CA LYS B 65 -1.83 -41.94 -29.60
C LYS B 65 -0.53 -42.10 -28.81
N ARG B 66 0.59 -41.77 -29.42
CA ARG B 66 1.89 -42.04 -28.81
C ARG B 66 2.45 -40.89 -27.98
N ALA B 67 1.85 -39.71 -28.02
CA ALA B 67 2.42 -38.51 -27.43
C ALA B 67 1.52 -37.98 -26.32
N TRP B 68 2.04 -37.99 -25.09
CA TRP B 68 1.38 -37.38 -23.94
C TRP B 68 2.04 -36.03 -23.69
N ILE B 69 1.25 -34.96 -23.73
CA ILE B 69 1.78 -33.60 -23.73
C ILE B 69 1.34 -32.90 -22.45
N LEU B 70 2.31 -32.47 -21.66
CA LEU B 70 2.07 -31.65 -20.47
C LEU B 70 2.24 -30.18 -20.85
N ARG B 71 1.27 -29.35 -20.46
CA ARG B 71 1.27 -27.94 -20.82
C ARG B 71 1.23 -27.10 -19.55
N ILE B 72 2.20 -26.20 -19.40
CA ILE B 72 2.28 -25.30 -18.27
C ILE B 72 2.09 -23.89 -18.82
N ARG B 73 0.93 -23.30 -18.56
CA ARG B 73 0.63 -21.96 -19.06
C ARG B 73 1.18 -20.92 -18.10
N ASP B 74 1.57 -19.77 -18.67
CA ASP B 74 2.11 -18.65 -17.89
C ASP B 74 3.23 -19.12 -16.97
N VAL B 75 4.28 -19.67 -17.58
CA VAL B 75 5.35 -20.27 -16.80
C VAL B 75 6.02 -19.23 -15.91
N LYS B 76 6.50 -19.68 -14.76
CA LYS B 76 7.32 -18.89 -13.87
C LYS B 76 8.74 -19.45 -13.86
N GLU B 77 9.69 -18.65 -13.38
CA GLU B 77 11.04 -19.15 -13.27
C GLU B 77 11.13 -20.29 -12.26
N SER B 78 10.17 -20.36 -11.33
CA SER B 78 10.15 -21.45 -10.36
C SER B 78 9.75 -22.78 -10.98
N ASP B 79 9.24 -22.78 -12.22
CA ASP B 79 8.93 -24.02 -12.92
C ASP B 79 10.16 -24.62 -13.60
N LYS B 80 11.23 -23.86 -13.75
CA LYS B 80 12.46 -24.37 -14.32
C LYS B 80 12.96 -25.55 -13.48
N GLY B 81 13.36 -26.61 -14.15
CA GLY B 81 13.89 -27.78 -13.47
C GLY B 81 13.65 -29.02 -14.29
N TRP B 82 13.94 -30.16 -13.66
CA TRP B 82 13.77 -31.47 -14.29
C TRP B 82 12.35 -31.97 -14.11
N TYR B 83 11.76 -32.46 -15.20
CA TYR B 83 10.46 -33.11 -15.21
C TYR B 83 10.62 -34.55 -15.65
N MET B 84 9.77 -35.43 -15.12
CA MET B 84 9.87 -36.85 -15.33
C MET B 84 8.61 -37.41 -15.98
N CYS B 85 8.81 -38.41 -16.83
CA CYS B 85 7.73 -39.18 -17.42
C CYS B 85 7.88 -40.62 -16.94
N GLN B 86 6.80 -41.22 -16.45
CA GLN B 86 6.87 -42.51 -15.77
C GLN B 86 5.82 -43.44 -16.33
N ILE B 87 6.18 -44.71 -16.45
CA ILE B 87 5.27 -45.77 -16.90
C ILE B 87 5.15 -46.78 -15.78
N ASN B 88 3.92 -47.14 -15.41
CA ASN B 88 3.69 -48.05 -14.29
C ASN B 88 3.97 -49.51 -14.63
N THR B 89 5.04 -49.78 -15.39
CA THR B 89 5.44 -51.15 -15.62
C THR B 89 6.05 -51.74 -14.35
N ASP B 90 6.53 -52.97 -14.46
CA ASP B 90 7.21 -53.62 -13.35
C ASP B 90 8.42 -54.38 -13.86
N PRO B 91 9.62 -53.87 -13.58
CA PRO B 91 9.86 -52.65 -12.81
C PRO B 91 9.45 -51.39 -13.56
N MET B 92 9.28 -50.29 -12.84
CA MET B 92 8.77 -49.07 -13.46
C MET B 92 9.84 -48.42 -14.33
N LYS B 93 9.40 -47.79 -15.41
CA LYS B 93 10.25 -47.06 -16.33
C LYS B 93 10.06 -45.57 -16.14
N SER B 94 11.13 -44.80 -16.36
CA SER B 94 11.07 -43.36 -16.23
C SER B 94 12.18 -42.72 -17.04
N GLN B 95 11.87 -41.57 -17.66
CA GLN B 95 12.85 -40.71 -18.31
C GLN B 95 12.60 -39.27 -17.89
N VAL B 96 13.63 -38.44 -18.00
CA VAL B 96 13.55 -37.07 -17.51
C VAL B 96 14.01 -36.09 -18.59
N GLY B 97 13.40 -34.90 -18.57
CA GLY B 97 13.82 -33.82 -19.42
C GLY B 97 13.78 -32.51 -18.66
N TYR B 98 14.56 -31.54 -19.13
CA TYR B 98 14.74 -30.28 -18.44
C TYR B 98 13.88 -29.19 -19.08
N LEU B 99 13.19 -28.41 -18.25
CA LEU B 99 12.45 -27.23 -18.68
C LEU B 99 13.25 -26.01 -18.24
N ASP B 100 13.87 -25.33 -19.20
CA ASP B 100 14.66 -24.13 -18.93
C ASP B 100 13.80 -22.90 -19.16
N VAL B 101 13.67 -22.06 -18.14
CA VAL B 101 12.89 -20.83 -18.20
C VAL B 101 13.88 -19.67 -18.21
N VAL B 102 13.95 -18.96 -19.34
CA VAL B 102 14.92 -17.89 -19.54
C VAL B 102 14.30 -16.57 -19.10
N VAL B 103 15.11 -15.75 -18.42
CA VAL B 103 14.69 -14.44 -17.95
C VAL B 103 15.71 -13.40 -18.39
N PRO B 104 15.29 -12.30 -18.98
CA PRO B 104 16.25 -11.23 -19.29
C PRO B 104 16.89 -10.73 -18.01
N PRO B 105 18.15 -10.28 -18.09
CA PRO B 105 18.90 -9.95 -16.88
C PRO B 105 18.45 -8.64 -16.25
N ASP B 106 18.81 -8.49 -14.98
CA ASP B 106 18.53 -7.29 -14.23
C ASP B 106 19.64 -7.07 -13.22
N ILE B 107 20.00 -5.80 -13.00
CA ILE B 107 21.09 -5.44 -12.10
C ILE B 107 20.49 -4.93 -10.79
N LEU B 108 20.85 -5.58 -9.69
CA LEU B 108 20.37 -5.19 -8.37
C LEU B 108 21.09 -3.94 -7.89
N ASP B 109 20.35 -3.03 -7.26
CA ASP B 109 20.96 -1.83 -6.69
C ASP B 109 21.99 -2.19 -5.62
N TYR B 110 21.72 -3.23 -4.83
CA TYR B 110 22.68 -3.73 -3.87
C TYR B 110 23.06 -5.15 -4.25
N PRO B 111 24.34 -5.51 -4.11
CA PRO B 111 25.44 -4.70 -3.57
C PRO B 111 26.18 -3.88 -4.62
N THR B 112 25.57 -3.66 -5.78
CA THR B 112 26.22 -2.91 -6.84
C THR B 112 26.75 -1.58 -6.33
N SER B 113 28.00 -1.27 -6.68
CA SER B 113 28.68 -0.12 -6.09
C SER B 113 28.03 1.19 -6.48
N THR B 114 27.89 2.07 -5.51
CA THR B 114 27.57 3.47 -5.78
C THR B 114 28.85 4.21 -6.17
N ASP B 115 28.73 5.52 -6.39
CA ASP B 115 29.91 6.33 -6.70
C ASP B 115 31.02 6.08 -5.69
N MET B 116 32.25 6.07 -6.17
CA MET B 116 33.43 5.77 -5.35
C MET B 116 34.35 6.97 -5.35
N VAL B 117 34.92 7.28 -4.19
CA VAL B 117 35.90 8.35 -4.06
C VAL B 117 37.14 7.76 -3.40
N ILE B 118 38.25 7.72 -4.13
CA ILE B 118 39.46 7.05 -3.70
C ILE B 118 40.64 8.00 -3.86
N ARG B 119 41.56 7.96 -2.89
CA ARG B 119 42.81 8.69 -3.02
C ARG B 119 43.71 8.03 -4.04
N GLU B 120 44.40 8.84 -4.83
CA GLU B 120 45.26 8.29 -5.87
C GLU B 120 46.32 7.39 -5.25
N GLY B 121 46.51 6.21 -5.84
CA GLY B 121 47.46 5.25 -5.34
C GLY B 121 46.91 4.24 -4.36
N SER B 122 45.59 4.21 -4.15
CA SER B 122 44.97 3.34 -3.18
C SER B 122 44.04 2.37 -3.89
N ASN B 123 43.63 1.33 -3.15
CA ASN B 123 42.80 0.28 -3.73
C ASN B 123 41.35 0.75 -3.87
N VAL B 124 40.64 0.09 -4.77
CA VAL B 124 39.19 0.23 -4.88
C VAL B 124 38.64 -1.02 -5.52
N THR B 125 37.41 -1.37 -5.15
CA THR B 125 36.74 -2.54 -5.71
C THR B 125 35.33 -2.15 -6.14
N LEU B 126 35.05 -2.28 -7.43
CA LEU B 126 33.72 -2.03 -7.96
C LEU B 126 32.97 -3.35 -7.97
N LYS B 127 31.81 -3.38 -7.32
CA LYS B 127 30.98 -4.57 -7.30
C LYS B 127 29.74 -4.35 -8.15
N CYS B 128 29.15 -5.46 -8.59
CA CYS B 128 27.93 -5.42 -9.37
C CYS B 128 27.24 -6.77 -9.40
N ALA B 129 25.98 -6.83 -8.97
CA ALA B 129 25.23 -8.08 -8.89
C ALA B 129 24.05 -8.01 -9.84
N ALA B 130 23.85 -9.07 -10.61
CA ALA B 130 22.76 -9.13 -11.57
C ALA B 130 22.05 -10.47 -11.43
N THR B 131 20.79 -10.49 -11.88
CA THR B 131 19.96 -11.68 -11.82
C THR B 131 19.39 -11.98 -13.20
N GLY B 132 19.46 -13.24 -13.60
CA GLY B 132 18.88 -13.63 -14.87
C GLY B 132 18.82 -15.14 -15.00
N SER B 133 18.35 -15.58 -16.16
CA SER B 133 18.34 -17.00 -16.50
C SER B 133 18.49 -17.14 -18.01
N PRO B 134 19.64 -17.68 -18.47
CA PRO B 134 20.76 -18.15 -17.67
C PRO B 134 21.36 -17.05 -16.79
N THR B 135 22.17 -17.43 -15.81
CA THR B 135 22.82 -16.43 -14.97
C THR B 135 23.69 -15.52 -15.83
N PRO B 136 23.53 -14.21 -15.72
CA PRO B 136 24.23 -13.30 -16.62
C PRO B 136 25.71 -13.16 -16.29
N THR B 137 26.52 -13.12 -17.34
CA THR B 137 27.92 -12.74 -17.20
C THR B 137 28.04 -11.23 -17.17
N ILE B 138 28.87 -10.73 -16.25
CA ILE B 138 29.02 -9.29 -16.04
C ILE B 138 30.29 -8.83 -16.73
N THR B 139 30.19 -7.72 -17.47
CA THR B 139 31.31 -7.18 -18.21
C THR B 139 31.47 -5.71 -17.83
N TRP B 140 32.71 -5.32 -17.52
CA TRP B 140 33.03 -3.94 -17.16
C TRP B 140 33.66 -3.23 -18.36
N ARG B 141 33.18 -2.02 -18.64
CA ARG B 141 33.78 -1.15 -19.64
C ARG B 141 33.82 0.27 -19.08
N ARG B 142 34.54 1.14 -19.77
CA ARG B 142 34.56 2.55 -19.44
C ARG B 142 33.98 3.36 -20.60
N GLU B 143 33.34 4.48 -20.27
CA GLU B 143 32.90 5.38 -21.33
C GLU B 143 34.10 5.75 -22.19
N GLY B 144 33.84 5.89 -23.50
CA GLY B 144 34.88 6.20 -24.46
C GLY B 144 35.84 5.08 -24.75
N GLY B 145 35.74 3.95 -24.05
CA GLY B 145 36.60 2.81 -24.31
C GLY B 145 37.95 2.87 -23.65
N GLU B 146 38.12 3.73 -22.66
CA GLU B 146 39.39 3.81 -21.93
C GLU B 146 39.81 2.44 -21.41
N LEU B 147 41.08 2.27 -21.10
CA LEU B 147 41.57 1.00 -20.57
C LEU B 147 41.24 0.86 -19.10
N ILE B 148 41.03 -0.37 -18.67
CA ILE B 148 40.75 -0.73 -17.28
C ILE B 148 41.99 -1.42 -16.72
N PRO B 149 42.57 -0.93 -15.62
CA PRO B 149 43.72 -1.62 -15.01
C PRO B 149 43.31 -3.00 -14.51
N LEU B 150 43.93 -4.04 -15.07
CA LEU B 150 43.54 -5.40 -14.72
C LEU B 150 44.30 -5.89 -13.49
N PRO B 151 43.74 -6.88 -12.79
CA PRO B 151 44.45 -7.42 -11.61
C PRO B 151 45.83 -7.97 -11.93
N ASN B 152 45.98 -8.62 -13.08
CA ASN B 152 47.26 -9.19 -13.51
C ASN B 152 48.21 -8.15 -14.09
N GLY B 153 48.27 -6.94 -13.52
CA GLY B 153 49.28 -5.96 -13.89
C GLY B 153 49.12 -5.40 -15.29
N ALA B 154 48.22 -5.99 -16.08
CA ALA B 154 48.02 -5.56 -17.44
C ALA B 154 46.85 -4.58 -17.51
N GLU B 155 46.37 -4.29 -18.72
CA GLU B 155 45.23 -3.41 -18.91
C GLU B 155 44.46 -3.84 -20.15
N ALA B 156 43.16 -3.59 -20.14
CA ALA B 156 42.30 -4.01 -21.24
C ALA B 156 41.05 -3.14 -21.25
N VAL B 157 40.32 -3.19 -22.38
CA VAL B 157 39.13 -2.36 -22.54
C VAL B 157 37.87 -3.02 -21.97
N ALA B 158 38.00 -4.20 -21.36
CA ALA B 158 36.85 -4.88 -20.78
C ALA B 158 37.34 -5.96 -19.82
N TYR B 159 36.54 -6.21 -18.79
CA TYR B 159 36.88 -7.19 -17.77
C TYR B 159 35.61 -7.93 -17.37
N ASN B 160 35.68 -9.26 -17.33
CA ASN B 160 34.56 -10.08 -16.89
C ASN B 160 34.70 -10.38 -15.41
N GLY B 161 33.61 -10.24 -14.68
CA GLY B 161 33.58 -10.50 -13.26
C GLY B 161 32.59 -9.59 -12.55
N SER B 162 32.05 -10.10 -11.44
CA SER B 162 31.09 -9.32 -10.66
C SER B 162 31.77 -8.22 -9.86
N PHE B 163 33.05 -8.40 -9.50
CA PHE B 163 33.79 -7.39 -8.75
C PHE B 163 35.09 -7.11 -9.48
N LEU B 164 35.37 -5.83 -9.73
CA LEU B 164 36.59 -5.38 -10.38
C LEU B 164 37.45 -4.66 -9.35
N THR B 165 38.58 -5.27 -9.01
CA THR B 165 39.49 -4.71 -8.02
C THR B 165 40.64 -4.01 -8.72
N ILE B 166 40.87 -2.76 -8.34
CA ILE B 166 41.98 -1.95 -8.85
C ILE B 166 42.87 -1.61 -7.68
N ALA B 167 44.13 -2.00 -7.78
CA ALA B 167 45.16 -1.58 -6.84
C ALA B 167 45.89 -0.37 -7.39
N LYS B 168 46.29 0.53 -6.50
CA LYS B 168 46.96 1.75 -6.92
C LYS B 168 46.17 2.47 -8.01
N VAL B 169 45.10 3.15 -7.62
CA VAL B 169 44.27 3.88 -8.57
C VAL B 169 45.02 5.11 -9.08
N ASN B 170 44.83 5.42 -10.36
CA ASN B 170 45.49 6.55 -11.00
C ASN B 170 44.44 7.55 -11.47
N ARG B 171 44.83 8.82 -11.51
CA ARG B 171 43.89 9.84 -11.98
C ARG B 171 43.37 9.51 -13.37
N LEU B 172 44.17 8.84 -14.19
CA LEU B 172 43.70 8.45 -15.51
C LEU B 172 42.62 7.38 -15.41
N ASN B 173 42.62 6.59 -14.32
CA ASN B 173 41.55 5.63 -14.10
C ASN B 173 40.21 6.31 -13.77
N MET B 174 40.23 7.59 -13.44
CA MET B 174 39.00 8.28 -13.04
C MET B 174 38.06 8.43 -14.22
N GLY B 175 36.77 8.35 -13.94
CA GLY B 175 35.75 8.50 -14.95
C GLY B 175 34.56 7.59 -14.65
N ALA B 176 33.75 7.37 -15.67
CA ALA B 176 32.54 6.58 -15.55
C ALA B 176 32.80 5.18 -16.05
N TYR B 177 32.60 4.19 -15.18
CA TYR B 177 32.66 2.78 -15.53
C TYR B 177 31.25 2.24 -15.74
N LEU B 178 31.16 1.14 -16.47
CA LEU B 178 29.89 0.55 -16.85
C LEU B 178 29.86 -0.90 -16.40
N CYS B 179 28.83 -1.26 -15.66
CA CYS B 179 28.54 -2.67 -15.35
C CYS B 179 27.52 -3.14 -16.37
N ILE B 180 27.92 -4.08 -17.22
CA ILE B 180 27.08 -4.55 -18.31
C ILE B 180 26.73 -6.01 -18.06
N ALA B 181 25.45 -6.28 -17.88
CA ALA B 181 24.95 -7.62 -17.61
C ALA B 181 24.25 -8.17 -18.84
N SER B 182 24.67 -9.36 -19.28
CA SER B 182 24.09 -10.00 -20.45
C SER B 182 24.04 -11.50 -20.23
N ASN B 183 23.06 -12.15 -20.85
CA ASN B 183 22.95 -13.61 -20.75
C ASN B 183 22.37 -14.24 -22.01
N GLY B 184 22.40 -13.57 -23.16
CA GLY B 184 21.77 -14.04 -24.36
C GLY B 184 20.30 -13.73 -24.46
N ILE B 185 19.64 -13.40 -23.36
CA ILE B 185 18.21 -13.09 -23.36
C ILE B 185 18.04 -11.57 -23.35
N PRO B 186 17.72 -10.95 -24.49
CA PRO B 186 17.55 -9.49 -24.54
C PRO B 186 16.43 -9.03 -23.64
N PRO B 187 16.49 -7.77 -23.18
CA PRO B 187 17.58 -6.84 -23.50
C PRO B 187 18.69 -6.85 -22.47
N THR B 188 19.92 -6.62 -22.94
CA THR B 188 21.05 -6.43 -22.04
C THR B 188 20.91 -5.11 -21.29
N VAL B 189 21.23 -5.13 -20.00
CA VAL B 189 21.12 -3.94 -19.16
C VAL B 189 22.50 -3.59 -18.62
N SER B 190 22.62 -2.34 -18.16
CA SER B 190 23.89 -1.83 -17.65
C SER B 190 23.63 -0.78 -16.61
N LYS B 191 24.65 -0.51 -15.80
CA LYS B 191 24.59 0.49 -14.74
C LYS B 191 25.91 1.23 -14.69
N ARG B 192 25.84 2.54 -14.60
CA ARG B 192 27.03 3.38 -14.57
C ARG B 192 27.53 3.51 -13.14
N VAL B 193 28.85 3.45 -12.97
CA VAL B 193 29.50 3.60 -11.67
C VAL B 193 30.61 4.62 -11.85
N MET B 194 30.59 5.67 -11.03
CA MET B 194 31.61 6.70 -11.10
C MET B 194 32.78 6.32 -10.20
N LEU B 195 33.99 6.40 -10.75
CA LEU B 195 35.22 6.24 -9.97
C LEU B 195 35.88 7.62 -9.91
N ILE B 196 35.96 8.17 -8.70
CA ILE B 196 36.51 9.50 -8.48
C ILE B 196 37.83 9.37 -7.75
N VAL B 197 38.87 10.00 -8.28
CA VAL B 197 40.22 9.90 -7.76
C VAL B 197 40.65 11.28 -7.29
N HIS B 198 40.94 11.42 -6.01
CA HIS B 198 41.40 12.68 -5.46
C HIS B 198 42.91 12.64 -5.29
N PHE B 199 43.55 13.79 -5.55
CA PHE B 199 44.99 13.89 -5.45
C PHE B 199 45.36 15.35 -5.27
N PRO B 200 46.51 15.64 -4.66
CA PRO B 200 46.92 17.04 -4.48
C PRO B 200 47.35 17.67 -5.79
N PRO B 201 47.51 18.99 -5.82
CA PRO B 201 47.75 19.68 -7.09
C PRO B 201 49.20 19.59 -7.54
N MET B 202 49.38 19.75 -8.86
CA MET B 202 50.69 19.90 -9.48
C MET B 202 50.58 20.96 -10.56
N ILE B 203 51.66 21.71 -10.76
CA ILE B 203 51.67 22.84 -11.68
C ILE B 203 52.76 22.66 -12.72
N TRP B 204 52.42 22.95 -13.98
CA TRP B 204 53.38 23.00 -15.08
C TRP B 204 53.35 24.40 -15.69
N ILE B 205 54.53 24.91 -16.04
CA ILE B 205 54.64 26.25 -16.62
C ILE B 205 55.39 26.14 -17.93
N GLN B 206 54.78 26.63 -19.00
CA GLN B 206 55.44 26.58 -20.32
C GLN B 206 56.63 27.52 -20.37
N ASN B 207 56.47 28.75 -19.91
CA ASN B 207 57.52 29.77 -19.96
C ASN B 207 57.67 30.38 -18.56
N GLN B 208 58.63 29.86 -17.79
CA GLN B 208 58.99 30.43 -16.50
C GLN B 208 59.88 31.66 -16.64
N LEU B 209 60.02 32.19 -17.85
CA LEU B 209 60.83 33.37 -18.10
C LEU B 209 60.21 34.10 -19.28
N VAL B 210 59.61 35.26 -19.03
CA VAL B 210 58.93 36.04 -20.05
C VAL B 210 59.30 37.50 -19.88
N GLY B 211 59.53 38.19 -21.00
CA GLY B 211 59.85 39.60 -20.95
C GLY B 211 58.87 40.45 -21.73
N ALA B 212 58.91 41.77 -21.50
CA ALA B 212 58.05 42.70 -22.21
C ALA B 212 58.62 44.10 -22.06
N ALA B 213 58.05 45.03 -22.84
CA ALA B 213 58.42 46.43 -22.79
C ALA B 213 57.22 47.25 -22.32
N LEU B 214 57.49 48.46 -21.84
CA LEU B 214 56.44 49.31 -21.31
C LEU B 214 55.32 49.51 -22.33
N THR B 215 54.12 49.77 -21.83
CA THR B 215 52.90 49.95 -22.60
C THR B 215 52.45 48.68 -23.32
N GLN B 216 53.18 47.57 -23.16
CA GLN B 216 52.84 46.32 -23.80
C GLN B 216 51.86 45.52 -22.93
N ASN B 217 51.11 44.64 -23.59
CA ASN B 217 50.20 43.72 -22.91
C ASN B 217 50.79 42.31 -23.02
N ILE B 218 51.13 41.73 -21.88
CA ILE B 218 51.66 40.37 -21.85
C ILE B 218 50.77 39.52 -20.96
N THR B 219 50.79 38.21 -21.20
CA THR B 219 49.97 37.26 -20.48
C THR B 219 50.83 36.11 -19.99
N LEU B 220 50.74 35.82 -18.69
CA LEU B 220 51.40 34.67 -18.09
C LEU B 220 50.40 33.54 -17.92
N GLU B 221 50.88 32.30 -17.98
CA GLU B 221 49.99 31.15 -18.02
C GLU B 221 50.62 29.97 -17.31
N CYS B 222 49.82 29.29 -16.50
CA CYS B 222 50.21 28.05 -15.84
C CYS B 222 49.18 26.98 -16.15
N GLN B 223 49.52 25.74 -15.82
CA GLN B 223 48.60 24.63 -15.91
C GLN B 223 48.69 23.80 -14.64
N SER B 224 47.54 23.35 -14.15
CA SER B 224 47.49 22.55 -12.94
C SER B 224 46.61 21.33 -13.16
N GLU B 225 46.85 20.31 -12.35
CA GLU B 225 45.97 19.16 -12.24
C GLU B 225 45.73 18.93 -10.76
N ALA B 226 44.46 18.83 -10.38
CA ALA B 226 44.14 18.59 -8.98
C ALA B 226 42.66 18.26 -8.88
N TYR B 227 42.36 17.25 -8.08
CA TYR B 227 40.97 16.90 -7.81
C TYR B 227 40.83 16.45 -6.36
N PRO B 228 39.84 17.01 -5.64
CA PRO B 228 38.84 17.96 -6.15
C PRO B 228 39.43 19.26 -6.69
N LYS B 229 38.62 20.01 -7.44
CA LYS B 229 39.10 21.20 -8.11
C LYS B 229 39.82 22.12 -7.14
N SER B 230 40.84 22.81 -7.64
CA SER B 230 41.69 23.63 -6.81
C SER B 230 41.34 25.11 -6.98
N ILE B 231 41.64 25.89 -5.94
CA ILE B 231 41.57 27.33 -6.03
C ILE B 231 42.95 27.83 -6.47
N ASN B 232 42.98 28.59 -7.56
CA ASN B 232 44.23 29.05 -8.16
C ASN B 232 44.28 30.57 -8.15
N TYR B 233 45.38 31.13 -7.67
CA TYR B 233 45.58 32.56 -7.57
C TYR B 233 47.04 32.88 -7.89
N TRP B 234 47.33 34.16 -8.07
CA TRP B 234 48.68 34.61 -8.35
C TRP B 234 49.26 35.39 -7.18
N MET B 235 50.57 35.40 -7.09
CA MET B 235 51.28 36.05 -6.01
C MET B 235 52.41 36.90 -6.58
N LYS B 236 52.92 37.81 -5.74
CA LYS B 236 54.09 38.62 -6.07
C LYS B 236 54.56 39.32 -4.80
N ASN B 237 55.85 39.24 -4.51
CA ASN B 237 56.38 39.76 -3.24
C ASN B 237 55.65 39.14 -2.04
N ASP B 238 55.07 37.95 -2.24
CA ASP B 238 54.31 37.26 -1.21
C ASP B 238 52.96 37.93 -0.93
N THR B 239 52.38 38.55 -1.94
CA THR B 239 51.11 39.27 -1.82
C THR B 239 50.16 38.81 -2.92
N ILE B 240 48.93 38.47 -2.53
CA ILE B 240 47.90 38.06 -3.47
C ILE B 240 47.74 39.13 -4.55
N ILE B 241 47.11 38.79 -5.67
CA ILE B 241 46.94 39.68 -6.80
C ILE B 241 45.46 39.72 -7.16
N VAL B 242 44.84 40.88 -6.99
CA VAL B 242 43.40 41.03 -7.23
C VAL B 242 43.19 41.67 -8.60
N PRO B 243 42.10 41.34 -9.29
CA PRO B 243 41.77 42.07 -10.53
C PRO B 243 41.74 43.57 -10.28
N GLY B 244 42.73 44.30 -10.79
CA GLY B 244 42.85 45.71 -10.48
C GLY B 244 42.88 46.63 -11.69
N GLU B 245 41.98 46.41 -12.64
CA GLU B 245 41.83 47.28 -13.80
C GLU B 245 43.04 47.21 -14.73
N ARG B 246 44.17 46.75 -14.22
CA ARG B 246 45.35 46.46 -15.03
C ARG B 246 45.67 44.98 -15.10
N PHE B 247 45.59 44.28 -13.97
CA PHE B 247 45.77 42.84 -13.91
C PHE B 247 44.41 42.14 -13.98
N VAL B 248 44.34 41.09 -14.79
CA VAL B 248 43.11 40.32 -14.93
C VAL B 248 43.42 38.83 -14.92
N PRO B 249 43.27 38.15 -13.79
CA PRO B 249 43.51 36.70 -13.76
C PRO B 249 42.28 35.93 -14.23
N GLU B 250 42.53 34.84 -14.94
CA GLU B 250 41.48 33.98 -15.45
C GLU B 250 41.76 32.53 -15.06
N THR B 251 40.75 31.69 -15.25
CA THR B 251 40.89 30.26 -15.04
C THR B 251 39.98 29.53 -16.03
N PHE B 252 40.54 28.55 -16.72
CA PHE B 252 39.81 27.74 -17.69
C PHE B 252 39.84 26.30 -17.18
N GLU B 253 38.71 25.86 -16.62
CA GLU B 253 38.64 24.60 -15.90
C GLU B 253 37.99 23.51 -16.76
N SER B 254 38.53 22.30 -16.69
CA SER B 254 38.02 21.17 -17.46
C SER B 254 38.40 19.89 -16.73
N GLY B 255 37.43 19.31 -16.02
CA GLY B 255 37.71 18.12 -15.25
C GLY B 255 38.63 18.45 -14.09
N TYR B 256 39.71 17.70 -13.98
CA TYR B 256 40.74 17.96 -12.98
C TYR B 256 41.86 18.85 -13.51
N LYS B 257 41.72 19.37 -14.72
CA LYS B 257 42.69 20.28 -15.30
C LYS B 257 42.25 21.72 -15.12
N ILE B 258 43.24 22.61 -15.04
CA ILE B 258 42.98 24.05 -14.95
C ILE B 258 44.13 24.78 -15.64
N THR B 259 43.78 25.72 -16.50
CA THR B 259 44.76 26.61 -17.14
C THR B 259 44.49 28.03 -16.65
N MET B 260 45.45 28.58 -15.91
CA MET B 260 45.31 29.90 -15.30
C MET B 260 46.22 30.90 -15.98
N ARG B 261 45.64 32.03 -16.42
CA ARG B 261 46.38 33.11 -17.03
C ARG B 261 46.33 34.35 -16.16
N LEU B 262 47.33 35.21 -16.33
CA LEU B 262 47.36 36.53 -15.72
C LEU B 262 47.73 37.52 -16.82
N THR B 263 46.75 38.22 -17.36
CA THR B 263 46.97 39.22 -18.39
C THR B 263 47.27 40.55 -17.73
N ILE B 264 48.41 41.15 -18.08
CA ILE B 264 48.81 42.45 -17.56
C ILE B 264 48.74 43.47 -18.70
N TYR B 265 48.03 44.58 -18.46
CA TYR B 265 47.84 45.60 -19.46
C TYR B 265 48.69 46.82 -19.15
N GLU B 266 49.30 47.39 -20.20
CA GLU B 266 50.15 48.55 -20.04
C GLU B 266 51.26 48.27 -19.03
N VAL B 267 52.29 47.55 -19.46
CA VAL B 267 53.36 47.17 -18.54
C VAL B 267 54.05 48.41 -17.99
N ASP B 268 54.31 48.40 -16.69
CA ASP B 268 55.00 49.48 -16.00
C ASP B 268 56.27 48.96 -15.35
N ILE B 269 57.21 49.87 -15.11
CA ILE B 269 58.51 49.48 -14.57
C ILE B 269 58.36 48.77 -13.22
N GLN B 270 57.25 48.97 -12.53
CA GLN B 270 57.04 48.34 -11.23
C GLN B 270 56.52 46.92 -11.33
N ASP B 271 56.01 46.53 -12.51
CA ASP B 271 55.45 45.19 -12.66
C ASP B 271 56.50 44.11 -12.70
N PHE B 272 57.69 44.42 -13.23
CA PHE B 272 58.72 43.41 -13.39
C PHE B 272 59.13 42.85 -12.03
N GLY B 273 59.36 41.54 -11.98
CA GLY B 273 59.72 40.86 -10.76
C GLY B 273 59.33 39.40 -10.84
N ALA B 274 59.31 38.75 -9.68
CA ALA B 274 59.03 37.32 -9.56
C ALA B 274 57.55 37.10 -9.23
N TYR B 275 56.82 36.51 -10.18
CA TYR B 275 55.44 36.11 -9.95
C TYR B 275 55.38 34.65 -9.50
N ARG B 276 54.20 34.23 -9.07
CA ARG B 276 53.96 32.85 -8.66
C ARG B 276 52.51 32.50 -8.93
N CYS B 277 52.28 31.42 -9.65
CA CYS B 277 50.94 30.85 -9.74
C CYS B 277 50.83 29.74 -8.70
N VAL B 278 49.68 29.68 -8.03
CA VAL B 278 49.48 28.76 -6.91
C VAL B 278 48.17 28.02 -7.12
N ALA B 279 48.16 26.75 -6.73
CA ALA B 279 46.97 25.92 -6.77
C ALA B 279 46.85 25.20 -5.44
N LYS B 280 45.65 25.21 -4.85
CA LYS B 280 45.42 24.62 -3.55
C LYS B 280 44.09 23.87 -3.55
N ASN B 281 44.06 22.72 -2.89
CA ASN B 281 42.81 21.98 -2.69
C ASN B 281 42.90 21.21 -1.37
N SER B 282 41.90 20.38 -1.10
CA SER B 282 41.83 19.69 0.19
C SER B 282 43.12 18.94 0.52
N LEU B 283 43.80 18.41 -0.49
CA LEU B 283 44.87 17.46 -0.29
C LEU B 283 46.27 18.09 -0.34
N GLY B 284 46.37 19.39 -0.54
CA GLY B 284 47.66 20.05 -0.54
C GLY B 284 47.68 21.21 -1.52
N ASP B 285 48.84 21.84 -1.59
CA ASP B 285 49.05 22.99 -2.48
C ASP B 285 50.38 22.83 -3.21
N THR B 286 50.56 23.67 -4.24
CA THR B 286 51.81 23.70 -4.99
C THR B 286 51.87 25.05 -5.69
N ASP B 287 53.07 25.37 -6.21
CA ASP B 287 53.28 26.65 -6.86
C ASP B 287 54.37 26.51 -7.91
N GLY B 288 54.62 27.61 -8.61
CA GLY B 288 55.63 27.67 -9.65
C GLY B 288 55.97 29.11 -9.95
N ALA B 289 57.24 29.40 -10.18
CA ALA B 289 57.70 30.76 -10.35
C ALA B 289 57.78 31.13 -11.82
N ILE B 290 57.42 32.37 -12.13
CA ILE B 290 57.59 32.96 -13.45
C ILE B 290 58.26 34.31 -13.26
N LYS B 291 59.35 34.55 -13.98
CA LYS B 291 60.07 35.82 -13.92
C LYS B 291 59.75 36.66 -15.13
N LEU B 292 59.32 37.91 -14.89
CA LEU B 292 59.04 38.88 -15.93
C LEU B 292 60.13 39.94 -15.91
N TYR B 293 60.81 40.13 -17.04
CA TYR B 293 61.97 41.00 -17.13
C TYR B 293 61.78 42.02 -18.25
N HIS B 294 62.68 42.98 -18.30
CA HIS B 294 62.62 44.10 -19.24
C HIS B 294 63.44 43.81 -20.48
N ILE B 295 63.00 44.36 -21.60
CA ILE B 295 63.69 44.21 -22.88
C ILE B 295 64.93 45.09 -22.93
N PRO C 4 -28.69 19.60 22.04
CA PRO C 4 -27.73 20.69 22.25
C PRO C 4 -26.35 20.38 21.66
N PRO C 5 -25.84 21.26 20.80
CA PRO C 5 -24.55 21.01 20.15
C PRO C 5 -23.41 21.24 21.11
N PRO C 6 -22.23 20.72 20.81
CA PRO C 6 -21.05 20.98 21.66
C PRO C 6 -20.69 22.45 21.63
N VAL C 7 -20.20 22.94 22.77
CA VAL C 7 -19.82 24.34 22.93
C VAL C 7 -18.51 24.41 23.69
N PHE C 8 -17.66 25.35 23.28
CA PHE C 8 -16.41 25.59 23.99
C PHE C 8 -16.64 26.50 25.18
N ASP C 9 -15.85 26.29 26.24
CA ASP C 9 -15.77 27.24 27.35
C ASP C 9 -14.71 28.26 26.98
N PHE C 10 -15.13 29.39 26.41
CA PHE C 10 -14.17 30.42 26.01
C PHE C 10 -13.51 31.09 27.21
N GLY C 11 -13.87 30.73 28.43
CA GLY C 11 -13.18 31.25 29.59
C GLY C 11 -11.87 30.58 29.91
N MET C 12 -11.52 29.53 29.18
CA MET C 12 -10.25 28.87 29.40
C MET C 12 -9.11 29.81 29.02
N PRO C 13 -7.99 29.77 29.73
CA PRO C 13 -6.86 30.62 29.36
C PRO C 13 -6.36 30.26 27.97
N ARG C 14 -6.12 31.28 27.15
CA ARG C 14 -5.81 31.05 25.75
C ARG C 14 -4.36 31.32 25.38
N ASN C 15 -3.61 32.04 26.21
CA ASN C 15 -2.18 32.20 26.03
C ASN C 15 -1.49 31.38 27.11
N ILE C 16 -0.75 30.35 26.69
CA ILE C 16 -0.04 29.46 27.60
C ILE C 16 1.45 29.75 27.48
N THR C 17 2.08 30.13 28.59
CA THR C 17 3.51 30.38 28.64
C THR C 17 4.20 29.23 29.37
N THR C 18 5.36 28.83 28.88
CA THR C 18 6.06 27.68 29.43
C THR C 18 7.56 27.93 29.36
N ARG C 19 8.27 27.50 30.38
CA ARG C 19 9.73 27.55 30.39
C ARG C 19 10.29 26.34 29.67
N THR C 20 11.29 26.56 28.82
CA THR C 20 11.90 25.45 28.09
C THR C 20 12.30 24.34 29.05
N GLY C 21 11.98 23.10 28.67
CA GLY C 21 12.25 21.94 29.47
C GLY C 21 11.04 21.46 30.26
N HIS C 22 10.20 22.38 30.71
CA HIS C 22 9.00 22.01 31.43
C HIS C 22 7.94 21.51 30.44
N THR C 23 6.93 20.82 30.98
CA THR C 23 5.83 20.33 30.16
C THR C 23 4.78 21.43 30.05
N ALA C 24 4.49 21.85 28.82
CA ALA C 24 3.41 22.79 28.59
C ALA C 24 2.09 22.03 28.48
N ALA C 25 1.03 22.62 29.01
CA ALA C 25 -0.30 22.01 28.99
C ALA C 25 -1.32 23.05 28.55
N ILE C 26 -2.04 22.73 27.47
CA ILE C 26 -3.12 23.58 26.95
C ILE C 26 -4.42 22.84 27.20
N ASN C 27 -5.31 23.43 27.99
CA ASN C 27 -6.56 22.78 28.34
C ASN C 27 -7.72 23.37 27.54
N CYS C 28 -8.58 22.49 27.05
CA CYS C 28 -9.72 22.86 26.21
C CYS C 28 -10.96 22.18 26.78
N ARG C 29 -12.01 22.96 27.03
CA ARG C 29 -13.24 22.47 27.64
C ARG C 29 -14.38 22.50 26.64
N VAL C 30 -15.03 21.36 26.47
CA VAL C 30 -16.13 21.22 25.52
C VAL C 30 -17.34 20.69 26.30
N ASP C 31 -18.38 21.50 26.38
CA ASP C 31 -19.62 21.09 27.04
C ASP C 31 -20.58 20.53 26.00
N ASN C 32 -21.33 19.52 26.41
CA ASN C 32 -22.27 18.84 25.51
C ASN C 32 -21.52 18.19 24.35
N LEU C 33 -20.39 17.57 24.64
CA LEU C 33 -19.61 16.92 23.59
C LEU C 33 -20.44 15.83 22.92
N GLY C 34 -21.18 15.06 23.71
CA GLY C 34 -21.91 13.95 23.12
C GLY C 34 -20.96 12.93 22.54
N ASP C 35 -21.35 12.37 21.38
CA ASP C 35 -20.55 11.37 20.70
C ASP C 35 -19.47 11.98 19.82
N LYS C 36 -19.26 13.29 19.89
CA LYS C 36 -18.25 13.96 19.09
C LYS C 36 -16.86 13.77 19.71
N SER C 37 -15.83 14.11 18.93
CA SER C 37 -14.44 13.90 19.31
C SER C 37 -13.66 15.19 19.22
N VAL C 38 -12.69 15.32 20.12
CA VAL C 38 -11.80 16.47 20.17
C VAL C 38 -10.49 16.12 19.45
N SER C 39 -10.00 17.04 18.62
CA SER C 39 -8.75 16.86 17.91
C SER C 39 -7.86 18.06 18.14
N TRP C 40 -6.56 17.80 18.22
CA TRP C 40 -5.56 18.85 18.35
C TRP C 40 -4.74 18.93 17.08
N ILE C 41 -4.61 20.13 16.55
CA ILE C 41 -3.91 20.36 15.29
C ILE C 41 -3.03 21.59 15.45
N ARG C 42 -1.85 21.55 14.83
CA ARG C 42 -0.92 22.67 14.83
C ARG C 42 -1.22 23.55 13.62
N LYS C 43 -1.85 24.71 13.86
CA LYS C 43 -2.34 25.53 12.76
C LYS C 43 -1.24 25.89 11.78
N ARG C 44 -0.01 26.05 12.27
CA ARG C 44 1.12 26.42 11.43
C ARG C 44 1.15 25.67 10.10
N ASP C 45 1.09 24.33 10.17
CA ASP C 45 1.29 23.48 8.99
C ASP C 45 0.27 22.35 8.91
N LEU C 46 -0.84 22.47 9.64
CA LEU C 46 -1.90 21.46 9.61
C LEU C 46 -1.39 20.10 10.05
N HIS C 47 -0.47 20.06 11.00
CA HIS C 47 0.05 18.79 11.51
C HIS C 47 -0.89 18.27 12.58
N ILE C 48 -1.62 17.20 12.27
CA ILE C 48 -2.52 16.63 13.26
C ILE C 48 -1.69 16.09 14.42
N LEU C 49 -1.94 16.61 15.62
CA LEU C 49 -1.28 16.12 16.82
C LEU C 49 -1.99 14.91 17.41
N THR C 50 -3.27 15.08 17.76
CA THR C 50 -4.07 13.98 18.26
C THR C 50 -5.52 14.16 17.79
N ALA C 51 -6.17 13.03 17.53
CA ALA C 51 -7.59 13.00 17.21
C ALA C 51 -8.25 11.99 18.12
N GLY C 52 -9.31 12.39 18.80
CA GLY C 52 -9.80 11.56 19.88
C GLY C 52 -8.70 11.35 20.88
N ILE C 53 -8.61 10.12 21.42
CA ILE C 53 -7.55 9.81 22.37
C ILE C 53 -6.30 9.26 21.71
N LEU C 54 -6.36 8.89 20.42
CA LEU C 54 -5.22 8.31 19.73
C LEU C 54 -4.28 9.41 19.24
N THR C 55 -3.00 9.24 19.55
CA THR C 55 -2.00 10.22 19.15
C THR C 55 -1.57 9.97 17.70
N TYR C 56 -1.66 11.00 16.87
CA TYR C 56 -1.31 10.86 15.46
C TYR C 56 0.15 11.19 15.20
N THR C 57 0.60 12.37 15.64
CA THR C 57 2.00 12.74 15.48
C THR C 57 2.91 11.71 16.13
N SER C 58 4.08 11.49 15.52
CA SER C 58 5.08 10.59 16.05
C SER C 58 6.15 11.32 16.84
N ASP C 59 5.98 12.61 17.10
CA ASP C 59 6.83 13.33 18.03
C ASP C 59 6.48 12.91 19.45
N GLU C 60 7.38 12.17 20.10
CA GLU C 60 7.04 11.56 21.38
C GLU C 60 6.64 12.59 22.44
N ARG C 61 7.08 13.84 22.30
CA ARG C 61 6.78 14.85 23.31
C ARG C 61 5.33 15.28 23.33
N PHE C 62 4.49 14.79 22.43
CA PHE C 62 3.11 15.22 22.30
C PHE C 62 2.16 14.11 22.74
N LYS C 63 1.23 14.47 23.62
CA LYS C 63 0.23 13.52 24.12
C LYS C 63 -0.98 14.33 24.57
N VAL C 64 -2.14 13.69 24.52
CA VAL C 64 -3.38 14.31 24.94
C VAL C 64 -4.02 13.45 26.03
N VAL C 65 -4.50 14.09 27.08
CA VAL C 65 -5.22 13.41 28.15
C VAL C 65 -6.59 14.06 28.29
N ARG C 66 -7.58 13.26 28.70
CA ARG C 66 -8.93 13.77 28.89
C ARG C 66 -9.47 13.32 30.23
N THR C 67 -10.36 14.12 30.79
CA THR C 67 -11.05 13.72 32.00
C THR C 67 -12.01 12.58 31.70
N ALA C 68 -12.36 11.81 32.75
CA ALA C 68 -13.20 10.64 32.55
C ALA C 68 -14.51 11.02 31.87
N ASP C 69 -15.12 12.13 32.28
CA ASP C 69 -16.34 12.60 31.63
C ASP C 69 -16.08 13.21 30.25
N SER C 70 -14.82 13.24 29.79
CA SER C 70 -14.48 13.71 28.45
C SER C 70 -14.85 15.17 28.23
N LYS C 71 -14.93 15.96 29.31
CA LYS C 71 -15.26 17.38 29.17
C LYS C 71 -14.02 18.24 28.96
N ASP C 72 -12.87 17.84 29.50
CA ASP C 72 -11.64 18.61 29.41
C ASP C 72 -10.60 17.80 28.63
N TRP C 73 -9.98 18.44 27.64
CA TRP C 73 -8.98 17.81 26.78
C TRP C 73 -7.70 18.63 26.86
N THR C 74 -6.70 18.10 27.55
CA THR C 74 -5.46 18.81 27.79
C THR C 74 -4.38 18.28 26.87
N LEU C 75 -3.66 19.19 26.20
CA LEU C 75 -2.54 18.84 25.34
C LEU C 75 -1.26 19.04 26.13
N HIS C 76 -0.50 17.97 26.31
CA HIS C 76 0.79 18.03 26.98
C HIS C 76 1.92 18.00 25.97
N VAL C 77 2.89 18.90 26.14
CA VAL C 77 4.10 18.92 25.34
C VAL C 77 5.26 18.77 26.33
N LYS C 78 5.80 17.57 26.44
CA LYS C 78 6.94 17.34 27.32
C LYS C 78 8.20 18.01 26.76
N TYR C 79 9.05 18.49 27.65
CA TYR C 79 10.32 19.11 27.29
C TYR C 79 10.11 20.13 26.17
N ALA C 80 9.26 21.11 26.46
CA ALA C 80 8.92 22.13 25.48
C ALA C 80 10.14 22.94 25.10
N GLN C 81 10.29 23.20 23.81
CA GLN C 81 11.36 24.00 23.26
C GLN C 81 10.76 25.27 22.63
N PRO C 82 11.57 26.30 22.42
CA PRO C 82 11.04 27.51 21.79
C PRO C 82 10.41 27.27 20.45
N ARG C 83 10.93 26.34 19.66
CA ARG C 83 10.34 26.05 18.34
C ARG C 83 8.90 25.58 18.45
N ASP C 84 8.47 25.14 19.64
CA ASP C 84 7.09 24.70 19.84
C ASP C 84 6.10 25.86 19.95
N SER C 85 6.58 27.10 20.05
CA SER C 85 5.69 28.23 20.17
C SER C 85 4.84 28.38 18.91
N GLY C 86 3.58 28.69 19.10
CA GLY C 86 2.68 28.88 17.99
C GLY C 86 1.25 28.64 18.40
N ILE C 87 0.37 28.69 17.40
CA ILE C 87 -1.07 28.50 17.63
C ILE C 87 -1.40 27.02 17.48
N TYR C 88 -2.13 26.48 18.44
CA TYR C 88 -2.70 25.15 18.36
C TYR C 88 -4.22 25.24 18.41
N GLU C 89 -4.89 24.44 17.59
CA GLU C 89 -6.34 24.49 17.47
C GLU C 89 -6.96 23.30 18.17
N CYS C 90 -7.89 23.58 19.07
CA CYS C 90 -8.80 22.57 19.61
C CYS C 90 -9.98 22.46 18.68
N GLN C 91 -10.28 21.24 18.24
CA GLN C 91 -11.18 21.03 17.11
C GLN C 91 -12.21 19.96 17.43
N VAL C 92 -13.49 20.31 17.35
CA VAL C 92 -14.58 19.36 17.53
C VAL C 92 -15.07 18.96 16.14
N ASN C 93 -15.28 17.66 15.94
CA ASN C 93 -15.55 17.11 14.61
C ASN C 93 -17.01 17.20 14.19
N THR C 94 -17.66 18.34 14.41
CA THR C 94 -19.01 18.52 13.94
C THR C 94 -19.00 18.89 12.46
N GLU C 95 -20.19 19.06 11.88
CA GLU C 95 -20.30 19.52 10.51
C GLU C 95 -21.21 20.75 10.46
N PRO C 96 -20.60 21.92 10.20
CA PRO C 96 -19.15 22.03 10.04
C PRO C 96 -18.42 21.94 11.38
N LYS C 97 -17.09 21.99 11.34
CA LYS C 97 -16.31 21.88 12.55
C LYS C 97 -16.30 23.20 13.31
N ILE C 98 -16.20 23.10 14.64
CA ILE C 98 -15.93 24.24 15.50
C ILE C 98 -14.55 24.07 16.09
N SER C 99 -13.89 25.19 16.36
CA SER C 99 -12.51 25.15 16.84
C SER C 99 -12.24 26.36 17.74
N MET C 100 -11.24 26.21 18.60
CA MET C 100 -10.72 27.28 19.43
C MET C 100 -9.22 27.30 19.29
N ALA C 101 -8.64 28.49 19.20
CA ALA C 101 -7.22 28.64 18.96
C ALA C 101 -6.51 29.04 20.25
N PHE C 102 -5.53 28.24 20.66
CA PHE C 102 -4.66 28.55 21.78
C PHE C 102 -3.27 28.87 21.28
N ARG C 103 -2.55 29.72 22.00
CA ARG C 103 -1.20 30.10 21.64
C ARG C 103 -0.22 29.63 22.71
N LEU C 104 0.79 28.88 22.29
CA LEU C 104 1.86 28.43 23.18
C LEU C 104 3.08 29.31 22.97
N ASN C 105 3.65 29.80 24.07
CA ASN C 105 4.81 30.69 24.03
C ASN C 105 5.85 30.12 25.00
N VAL C 106 6.80 29.38 24.48
CA VAL C 106 7.86 28.78 25.30
C VAL C 106 8.97 29.81 25.46
N ILE C 107 9.12 30.34 26.66
CA ILE C 107 10.14 31.32 26.95
C ILE C 107 11.39 30.62 27.45
N VAL C 108 12.51 31.34 27.40
CA VAL C 108 13.82 30.76 27.71
C VAL C 108 14.54 31.60 28.75
N THR C 109 13.84 32.57 29.33
CA THR C 109 14.42 33.42 30.36
C THR C 109 13.67 33.32 31.69
N PRO C 110 14.43 33.14 32.79
CA PRO C 110 15.87 32.94 32.76
C PRO C 110 16.23 31.49 32.47
N PRO C 111 17.51 31.14 32.61
CA PRO C 111 17.91 29.75 32.45
C PRO C 111 17.41 28.89 33.61
N ASP C 112 17.53 27.58 33.42
CA ASP C 112 17.10 26.63 34.43
C ASP C 112 18.00 26.71 35.66
N ALA C 113 17.38 26.82 36.83
CA ALA C 113 18.12 26.88 38.09
C ALA C 113 17.50 25.91 39.09
N LYS C 114 18.36 25.16 39.79
CA LYS C 114 17.93 24.06 40.64
C LYS C 114 18.71 24.12 41.95
N ALA C 115 18.01 23.98 43.07
CA ALA C 115 18.66 23.99 44.37
C ALA C 115 19.25 22.62 44.68
N ILE C 116 20.43 22.64 45.29
CA ILE C 116 21.15 21.41 45.61
C ILE C 116 21.66 21.52 47.03
N ILE C 117 21.41 20.49 47.83
CA ILE C 117 21.84 20.44 49.22
C ILE C 117 22.94 19.39 49.30
N ALA C 118 24.18 19.84 49.51
CA ALA C 118 25.31 18.93 49.59
C ALA C 118 25.07 17.89 50.68
N GLY C 119 25.44 16.66 50.39
CA GLY C 119 25.30 15.58 51.34
C GLY C 119 24.24 14.57 50.95
N PRO C 120 24.07 13.54 51.77
CA PRO C 120 23.01 12.57 51.50
C PRO C 120 21.64 13.21 51.59
N THR C 121 20.65 12.46 51.12
CA THR C 121 19.27 12.95 51.14
C THR C 121 18.58 12.67 52.47
N ASP C 122 18.89 11.54 53.09
CA ASP C 122 18.32 11.15 54.38
C ASP C 122 19.44 11.14 55.42
N LEU C 123 19.38 12.08 56.36
CA LEU C 123 20.37 12.18 57.42
C LEU C 123 19.84 11.61 58.73
N TYR C 124 20.78 11.21 59.59
CA TYR C 124 20.45 10.68 60.90
C TYR C 124 21.41 11.25 61.92
N VAL C 125 20.87 11.85 62.99
CA VAL C 125 21.66 12.61 63.95
C VAL C 125 21.19 12.25 65.36
N LYS C 126 22.14 12.18 66.29
CA LYS C 126 21.82 11.88 67.68
C LYS C 126 21.41 13.15 68.41
N VAL C 127 20.45 13.01 69.33
CA VAL C 127 19.98 14.16 70.10
C VAL C 127 21.17 14.86 70.73
N GLY C 128 21.16 16.19 70.68
CA GLY C 128 22.26 16.99 71.15
C GLY C 128 23.28 17.34 70.10
N SER C 129 23.39 16.54 69.03
CA SER C 129 24.34 16.84 67.97
C SER C 129 23.93 18.10 67.22
N SER C 130 24.88 18.63 66.46
CA SER C 130 24.63 19.80 65.63
C SER C 130 24.45 19.38 64.18
N VAL C 131 23.51 20.02 63.50
CA VAL C 131 23.16 19.70 62.12
C VAL C 131 23.41 20.93 61.27
N THR C 132 23.99 20.73 60.09
CA THR C 132 24.25 21.82 59.15
C THR C 132 23.87 21.35 57.76
N LEU C 133 22.90 22.04 57.15
CA LEU C 133 22.46 21.77 55.79
C LEU C 133 22.86 22.94 54.91
N THR C 134 23.70 22.67 53.91
CA THR C 134 24.17 23.71 53.00
C THR C 134 23.50 23.56 51.65
N CYS C 135 22.91 24.64 51.16
CA CYS C 135 22.11 24.64 49.95
C CYS C 135 22.65 25.70 49.00
N HIS C 136 22.77 25.35 47.72
CA HIS C 136 23.23 26.30 46.72
C HIS C 136 22.46 26.09 45.43
N VAL C 137 22.43 27.13 44.61
CA VAL C 137 21.65 27.17 43.39
C VAL C 137 22.58 26.90 42.21
N LYS C 138 22.34 25.80 41.51
CA LYS C 138 23.05 25.49 40.27
C LYS C 138 22.35 26.22 39.13
N GLN C 139 23.00 27.23 38.59
CA GLN C 139 22.46 27.99 37.47
C GLN C 139 23.60 28.41 36.57
N PRO C 140 23.32 28.82 35.34
CA PRO C 140 24.39 29.21 34.42
C PRO C 140 25.15 30.44 34.90
N ALA C 141 26.23 30.74 34.17
CA ALA C 141 27.12 31.84 34.54
C ALA C 141 26.35 33.12 34.82
N THR C 142 25.61 33.61 33.82
CA THR C 142 24.88 34.87 33.97
C THR C 142 23.91 34.80 35.14
N SER C 143 24.20 35.58 36.19
CA SER C 143 23.27 35.79 37.30
C SER C 143 22.64 37.17 37.29
N ALA C 144 23.31 38.16 36.70
CA ALA C 144 22.82 39.53 36.63
C ALA C 144 22.40 39.97 38.03
N GLN C 145 21.31 40.73 38.13
CA GLN C 145 20.70 41.07 39.41
C GLN C 145 19.57 40.11 39.78
N ASP C 146 19.44 39.00 39.06
CA ASP C 146 18.41 38.00 39.35
C ASP C 146 18.86 37.16 40.54
N ILE C 147 18.82 37.78 41.71
CA ILE C 147 19.13 37.12 42.98
C ILE C 147 17.94 37.32 43.92
N GLY C 148 17.51 36.24 44.56
CA GLY C 148 16.35 36.28 45.40
C GLY C 148 16.56 35.59 46.72
N PRO C 149 15.74 35.93 47.71
CA PRO C 149 15.86 35.32 49.03
C PRO C 149 15.78 33.81 48.93
N ILE C 150 16.45 33.14 49.86
CA ILE C 150 16.34 31.69 50.03
C ILE C 150 15.83 31.42 51.44
N TYR C 151 14.74 30.68 51.52
CA TYR C 151 14.11 30.31 52.79
C TYR C 151 14.39 28.85 53.10
N TRP C 152 14.01 28.45 54.31
CA TRP C 152 14.00 27.05 54.71
C TRP C 152 12.64 26.72 55.32
N TYR C 153 12.27 25.45 55.22
CA TYR C 153 11.03 24.94 55.79
C TYR C 153 11.34 23.64 56.52
N ARG C 154 10.80 23.49 57.72
CA ARG C 154 10.63 22.17 58.32
C ARG C 154 9.17 21.81 58.11
N GLY C 155 8.92 20.77 57.32
CA GLY C 155 7.58 20.50 56.85
C GLY C 155 6.99 21.77 56.28
N PRO C 156 5.70 22.00 56.54
CA PRO C 156 5.05 23.21 56.01
C PRO C 156 5.41 24.49 56.75
N TYR C 157 6.14 24.40 57.86
CA TYR C 157 6.42 25.57 58.69
C TYR C 157 7.68 26.27 58.20
N ILE C 158 7.55 27.55 57.86
CA ILE C 158 8.72 28.30 57.42
C ILE C 158 9.61 28.60 58.61
N LEU C 159 10.93 28.46 58.41
CA LEU C 159 11.89 28.71 59.48
C LEU C 159 12.45 30.12 59.45
N THR C 160 12.38 30.82 58.33
CA THR C 160 12.87 32.19 58.30
C THR C 160 11.91 33.10 59.06
N PRO C 161 12.44 34.02 59.87
CA PRO C 161 11.56 34.94 60.60
C PRO C 161 11.25 36.21 59.83
N PHE C 162 10.03 36.71 60.02
CA PHE C 162 9.57 37.99 59.48
C PHE C 162 9.09 37.87 58.03
N VAL C 163 9.55 36.85 57.31
CA VAL C 163 9.07 36.63 55.96
C VAL C 163 7.58 36.32 55.96
N ALA C 164 7.08 35.80 57.06
CA ALA C 164 5.79 35.10 57.07
C ALA C 164 4.65 36.04 57.43
N HIS C 165 3.47 35.46 57.63
CA HIS C 165 2.19 36.19 57.56
C HIS C 165 1.73 36.99 58.79
N PRO C 166 2.14 36.60 60.01
CA PRO C 166 2.94 35.44 60.43
C PRO C 166 2.13 34.40 61.19
N ASN C 167 1.11 33.81 60.55
CA ASN C 167 0.32 32.73 61.16
C ASN C 167 1.11 31.41 61.14
N ASP C 168 2.27 31.43 61.77
CA ASP C 168 3.15 30.27 61.77
C ASP C 168 3.72 30.06 63.17
N ALA C 169 4.06 28.80 63.44
CA ALA C 169 4.71 28.47 64.70
C ALA C 169 5.98 29.29 64.88
N ALA C 170 6.19 29.75 66.11
CA ALA C 170 7.42 30.48 66.41
C ALA C 170 8.62 29.55 66.20
N ILE C 171 9.64 30.07 65.53
CA ILE C 171 10.87 29.33 65.33
C ILE C 171 11.70 29.41 66.61
N ASP C 172 12.48 28.36 66.87
CA ASP C 172 13.33 28.31 68.06
C ASP C 172 14.68 28.95 67.70
N LEU C 173 14.66 30.28 67.61
CA LEU C 173 15.91 31.01 67.52
C LEU C 173 16.81 30.64 68.72
N GLN C 174 18.08 31.02 68.63
CA GLN C 174 19.15 30.59 69.51
C GLN C 174 19.50 29.10 69.28
N ARG C 175 18.66 28.34 68.59
CA ARG C 175 18.97 26.99 68.15
C ARG C 175 19.04 26.85 66.64
N ILE C 176 18.23 27.60 65.90
CA ILE C 176 18.13 27.48 64.45
C ILE C 176 18.48 28.83 63.85
N SER C 177 19.51 28.86 63.02
CA SER C 177 19.94 30.09 62.35
C SER C 177 20.19 29.81 60.88
N MET C 178 20.08 30.87 60.07
CA MET C 178 20.27 30.80 58.63
C MET C 178 21.18 31.93 58.18
N GLU C 179 22.07 31.63 57.24
CA GLU C 179 22.96 32.63 56.67
C GLU C 179 22.96 32.45 55.16
N SER C 180 22.82 33.56 54.44
CA SER C 180 22.77 33.55 52.98
C SER C 180 23.92 34.37 52.43
N THR C 181 24.81 33.72 51.69
CA THR C 181 25.96 34.38 51.10
C THR C 181 25.88 34.30 49.58
N LEU C 182 26.64 35.17 48.92
CA LEU C 182 26.63 35.26 47.46
C LEU C 182 28.08 35.37 46.97
N ALA C 183 28.86 34.32 47.19
CA ALA C 183 30.29 34.32 46.87
C ALA C 183 30.53 33.96 45.40
N GLU C 184 30.37 32.68 45.08
CA GLU C 184 30.44 32.21 43.70
C GLU C 184 29.12 31.69 43.18
N LYS C 185 28.30 31.11 44.05
CA LYS C 185 26.93 30.73 43.75
C LYS C 185 26.03 31.23 44.87
N LEU C 186 24.74 31.34 44.58
CA LEU C 186 23.78 31.72 45.61
C LEU C 186 23.63 30.57 46.60
N GLN C 187 23.79 30.88 47.90
CA GLN C 187 23.92 29.85 48.92
C GLN C 187 23.16 30.25 50.17
N SER C 188 22.81 29.23 50.96
CA SER C 188 22.12 29.43 52.23
C SER C 188 22.32 28.17 53.07
N ARG C 189 22.92 28.32 54.25
CA ARG C 189 23.12 27.19 55.14
C ARG C 189 22.26 27.35 56.39
N LEU C 190 21.70 26.23 56.84
CA LEU C 190 20.83 26.17 58.01
C LEU C 190 21.55 25.39 59.09
N ARG C 191 21.54 25.91 60.32
CA ARG C 191 22.23 25.27 61.43
C ARG C 191 21.23 25.04 62.56
N ILE C 192 21.18 23.81 63.05
CA ILE C 192 20.33 23.42 64.17
C ILE C 192 21.26 22.90 65.26
N ALA C 193 21.32 23.60 66.39
CA ALA C 193 22.13 23.18 67.52
C ALA C 193 21.28 22.44 68.54
N ASN C 194 21.91 21.51 69.25
CA ASN C 194 21.23 20.68 70.23
C ASN C 194 19.94 20.10 69.63
N ALA C 195 20.12 19.38 68.53
CA ALA C 195 18.99 18.83 67.78
C ALA C 195 18.10 18.00 68.68
N GLN C 196 16.81 18.27 68.63
CA GLN C 196 15.82 17.58 69.44
C GLN C 196 15.07 16.55 68.60
N LEU C 197 14.51 15.55 69.28
CA LEU C 197 13.73 14.53 68.58
C LEU C 197 12.70 15.16 67.64
N LEU C 198 12.05 16.24 68.08
CA LEU C 198 10.99 16.86 67.30
C LEU C 198 11.50 17.78 66.20
N ASP C 199 12.81 18.08 66.16
CA ASP C 199 13.37 18.72 65.00
C ASP C 199 13.37 17.82 63.77
N THR C 200 13.13 16.52 63.95
CA THR C 200 13.00 15.61 62.83
C THR C 200 11.95 16.10 61.85
N GLY C 201 12.22 15.95 60.56
CA GLY C 201 11.25 16.33 59.55
C GLY C 201 11.89 16.39 58.18
N ASN C 202 11.11 16.91 57.24
CA ASN C 202 11.54 17.07 55.85
C ASN C 202 11.87 18.55 55.66
N TYR C 203 13.16 18.87 55.68
CA TYR C 203 13.65 20.24 55.52
C TYR C 203 13.79 20.55 54.03
N THR C 204 13.28 21.72 53.63
CA THR C 204 13.25 22.13 52.23
C THR C 204 13.97 23.47 52.09
N CYS C 205 14.90 23.55 51.15
CA CYS C 205 15.56 24.79 50.79
C CYS C 205 14.76 25.44 49.67
N MET C 206 14.01 26.50 50.01
CA MET C 206 13.12 27.11 49.05
C MET C 206 13.73 28.38 48.48
N PRO C 207 14.34 28.37 47.30
CA PRO C 207 14.75 29.61 46.66
C PRO C 207 13.54 30.33 46.09
N THR C 208 13.77 31.56 45.64
CA THR C 208 12.76 32.28 44.86
C THR C 208 13.19 32.46 43.42
N THR C 209 14.39 32.01 43.06
CA THR C 209 14.89 32.07 41.69
C THR C 209 15.31 30.70 41.17
N ALA C 210 14.94 29.62 41.85
CA ALA C 210 15.34 28.28 41.46
C ALA C 210 14.38 27.27 42.07
N GLU C 211 14.49 26.03 41.61
CA GLU C 211 13.60 24.97 42.06
C GLU C 211 14.06 24.44 43.41
N ALA C 212 13.10 24.18 44.30
CA ALA C 212 13.43 23.79 45.66
C ALA C 212 14.07 22.40 45.72
N ALA C 213 14.72 22.14 46.85
CA ALA C 213 15.33 20.85 47.14
C ALA C 213 15.13 20.57 48.62
N SER C 214 15.09 19.28 48.98
CA SER C 214 14.72 18.88 50.33
C SER C 214 15.64 17.78 50.85
N VAL C 215 15.83 17.79 52.17
CA VAL C 215 16.63 16.79 52.87
C VAL C 215 15.85 16.34 54.08
N VAL C 216 15.78 15.03 54.31
CA VAL C 216 15.09 14.46 55.45
C VAL C 216 16.08 14.31 56.60
N VAL C 217 15.81 15.01 57.70
CA VAL C 217 16.67 14.99 58.88
C VAL C 217 15.96 14.22 59.98
N ASN C 218 16.55 13.12 60.42
CA ASN C 218 16.04 12.33 61.52
C ASN C 218 16.91 12.53 62.75
N VAL C 219 16.30 12.93 63.86
CA VAL C 219 16.97 13.05 65.15
C VAL C 219 16.52 11.90 66.03
N ILE C 220 17.50 11.13 66.55
CA ILE C 220 17.21 9.91 67.27
C ILE C 220 18.01 9.88 68.57
N ASN C 221 17.57 9.01 69.49
CA ASN C 221 18.27 8.81 70.75
C ASN C 221 19.39 7.79 70.56
N ASP C 222 19.96 7.33 71.67
CA ASP C 222 21.06 6.34 71.62
C ASP C 222 21.13 5.54 72.91
N ASP D 1 13.83 3.04 5.51
CA ASP D 1 13.56 4.34 4.90
C ASP D 1 12.21 4.91 5.36
N LEU D 2 12.03 6.20 5.14
CA LEU D 2 10.75 6.81 5.43
C LEU D 2 9.80 6.61 4.26
N PRO D 3 8.50 6.63 4.54
CA PRO D 3 7.51 6.60 3.44
C PRO D 3 7.72 7.77 2.50
N LYS D 4 7.27 7.58 1.26
CA LYS D 4 7.33 8.62 0.25
C LYS D 4 6.02 8.66 -0.50
N PHE D 5 5.66 9.83 -1.00
CA PHE D 5 4.54 9.93 -1.92
C PHE D 5 4.95 9.38 -3.28
N GLY D 6 4.14 8.46 -3.82
CA GLY D 6 4.46 7.84 -5.08
C GLY D 6 4.16 8.68 -6.30
N GLU D 7 3.35 9.72 -6.14
CA GLU D 7 3.00 10.65 -7.21
C GLU D 7 2.19 11.79 -6.61
N LEU D 8 2.06 12.87 -7.39
CA LEU D 8 1.36 14.04 -6.89
C LEU D 8 -0.05 13.66 -6.43
N LEU D 9 -0.68 14.61 -5.73
CA LEU D 9 -2.09 14.47 -5.39
C LEU D 9 -2.88 14.89 -6.64
N GLN D 10 -3.40 13.90 -7.35
CA GLN D 10 -4.03 14.16 -8.64
C GLN D 10 -5.17 15.16 -8.49
N ASN D 11 -5.03 16.32 -9.13
CA ASN D 11 -6.15 17.24 -9.27
C ASN D 11 -7.36 16.52 -9.85
N VAL D 12 -8.55 16.89 -9.37
CA VAL D 12 -9.78 16.25 -9.79
C VAL D 12 -10.84 17.32 -10.04
N THR D 13 -11.61 17.13 -11.10
CA THR D 13 -12.76 17.98 -11.40
C THR D 13 -14.01 17.12 -11.39
N VAL D 14 -15.03 17.57 -10.67
CA VAL D 14 -16.27 16.80 -10.54
C VAL D 14 -17.44 17.77 -10.63
N PRO D 15 -18.52 17.41 -11.29
CA PRO D 15 -19.72 18.25 -11.29
C PRO D 15 -20.58 18.01 -10.07
N VAL D 16 -21.37 19.03 -9.72
CA VAL D 16 -22.17 19.03 -8.50
C VAL D 16 -22.99 17.75 -8.42
N SER D 17 -23.28 17.31 -7.19
CA SER D 17 -24.13 16.15 -6.93
C SER D 17 -23.53 14.86 -7.47
N ARG D 18 -22.21 14.79 -7.64
CA ARG D 18 -21.55 13.60 -8.13
C ARG D 18 -20.47 13.19 -7.15
N GLU D 19 -20.02 11.94 -7.28
CA GLU D 19 -18.99 11.43 -6.39
C GLU D 19 -17.64 12.02 -6.77
N ALA D 20 -16.91 12.48 -5.76
CA ALA D 20 -15.54 12.97 -5.93
C ALA D 20 -14.58 11.95 -5.36
N VAL D 21 -13.55 11.61 -6.13
CA VAL D 21 -12.61 10.57 -5.76
C VAL D 21 -11.22 11.19 -5.76
N LEU D 22 -10.71 11.51 -4.58
CA LEU D 22 -9.33 11.94 -4.40
C LEU D 22 -8.48 10.73 -4.02
N GLN D 23 -7.23 10.75 -4.46
CA GLN D 23 -6.38 9.57 -4.32
C GLN D 23 -4.98 9.99 -3.95
N CYS D 24 -4.46 9.39 -2.88
CA CYS D 24 -3.15 9.69 -2.34
C CYS D 24 -2.37 8.39 -2.24
N VAL D 25 -1.23 8.30 -2.92
CA VAL D 25 -0.45 7.07 -3.02
C VAL D 25 0.83 7.21 -2.22
N VAL D 26 1.13 6.21 -1.40
CA VAL D 26 2.27 6.24 -0.50
C VAL D 26 3.06 4.95 -0.64
N ASP D 27 4.37 5.07 -0.81
CA ASP D 27 5.27 3.92 -0.87
C ASP D 27 5.88 3.68 0.50
N ASN D 28 5.98 2.41 0.88
CA ASN D 28 6.70 2.01 2.09
C ASN D 28 6.07 2.64 3.33
N LEU D 29 4.74 2.57 3.42
CA LEU D 29 4.03 3.22 4.52
C LEU D 29 4.41 2.64 5.87
N GLN D 30 4.72 1.35 5.93
CA GLN D 30 5.17 0.66 7.15
C GLN D 30 4.13 0.92 8.24
N THR D 31 4.53 1.34 9.44
CA THR D 31 3.61 1.52 10.56
C THR D 31 2.99 2.91 10.62
N TYR D 32 3.27 3.77 9.64
CA TYR D 32 2.79 5.15 9.69
C TYR D 32 1.34 5.23 9.20
N LYS D 33 0.71 6.38 9.45
CA LYS D 33 -0.71 6.57 9.24
C LYS D 33 -0.96 7.75 8.30
N ILE D 34 -1.97 7.61 7.44
CA ILE D 34 -2.32 8.62 6.44
C ILE D 34 -3.52 9.41 6.95
N ALA D 35 -3.47 10.73 6.76
CA ALA D 35 -4.54 11.62 7.20
C ALA D 35 -4.99 12.48 6.03
N TRP D 36 -6.31 12.57 5.85
CA TRP D 36 -6.91 13.46 4.87
C TRP D 36 -7.54 14.63 5.59
N LEU D 37 -7.33 15.84 5.09
CA LEU D 37 -7.98 16.99 5.70
C LEU D 37 -8.19 18.07 4.65
N ARG D 38 -9.29 18.81 4.81
CA ARG D 38 -9.58 19.98 4.00
C ARG D 38 -8.73 21.14 4.48
N VAL D 39 -8.11 21.85 3.54
CA VAL D 39 -7.05 22.79 3.86
C VAL D 39 -7.60 24.15 4.28
N ASP D 40 -8.58 24.70 3.55
CA ASP D 40 -9.02 26.06 3.85
C ASP D 40 -9.61 26.17 5.24
N THR D 41 -10.43 25.20 5.64
CA THR D 41 -11.00 25.19 6.99
C THR D 41 -10.10 24.49 8.00
N GLN D 42 -9.11 23.71 7.54
CA GLN D 42 -8.25 22.93 8.43
C GLN D 42 -9.07 21.92 9.22
N THR D 43 -9.84 21.11 8.51
CA THR D 43 -10.75 20.16 9.12
C THR D 43 -10.22 18.74 8.93
N ILE D 44 -9.92 18.07 10.03
CA ILE D 44 -9.51 16.67 9.94
C ILE D 44 -10.66 15.86 9.37
N LEU D 45 -10.39 15.13 8.29
CA LEU D 45 -11.40 14.31 7.63
C LEU D 45 -11.25 12.84 7.99
N THR D 46 -10.09 12.26 7.73
CA THR D 46 -9.88 10.84 7.98
C THR D 46 -8.46 10.59 8.49
N ILE D 47 -8.31 9.54 9.28
CA ILE D 47 -7.02 9.06 9.74
C ILE D 47 -7.01 7.54 9.59
N GLN D 48 -6.13 7.02 8.74
CA GLN D 48 -6.06 5.59 8.48
CA GLN D 48 -6.06 5.59 8.46
C GLN D 48 -7.43 5.18 7.92
N ASN D 49 -8.07 4.16 8.47
CA ASN D 49 -9.35 3.71 7.95
C ASN D 49 -10.54 4.39 8.61
N HIS D 50 -10.31 5.21 9.63
CA HIS D 50 -11.39 5.85 10.36
C HIS D 50 -11.70 7.21 9.76
N VAL D 51 -12.99 7.52 9.65
CA VAL D 51 -13.44 8.84 9.23
C VAL D 51 -13.70 9.68 10.48
N ILE D 52 -12.98 10.80 10.61
CA ILE D 52 -13.13 11.64 11.79
C ILE D 52 -14.33 12.55 11.64
N THR D 53 -14.48 13.20 10.49
CA THR D 53 -15.57 14.14 10.29
C THR D 53 -16.91 13.42 10.37
N LYS D 54 -17.92 14.13 10.88
CA LYS D 54 -19.27 13.60 10.95
C LYS D 54 -20.05 13.85 9.66
N ASN D 55 -19.46 14.53 8.69
CA ASN D 55 -20.05 14.67 7.37
C ASN D 55 -20.22 13.30 6.75
N HIS D 56 -21.46 12.80 6.68
CA HIS D 56 -21.71 11.44 6.23
C HIS D 56 -21.37 11.24 4.75
N ARG D 57 -21.08 12.31 4.01
CA ARG D 57 -20.80 12.18 2.59
C ARG D 57 -19.38 11.69 2.30
N MET D 58 -18.54 11.56 3.32
CA MET D 58 -17.14 11.23 3.14
C MET D 58 -16.87 9.79 3.58
N SER D 59 -15.98 9.12 2.86
CA SER D 59 -15.61 7.76 3.17
C SER D 59 -14.18 7.54 2.71
N ILE D 60 -13.47 6.66 3.41
CA ILE D 60 -12.09 6.34 3.09
C ILE D 60 -12.03 4.88 2.67
N THR D 61 -11.27 4.59 1.62
CA THR D 61 -11.11 3.24 1.10
C THR D 61 -9.63 2.97 0.87
N HIS D 62 -9.20 1.74 1.15
CA HIS D 62 -7.81 1.33 1.02
C HIS D 62 -7.79 0.02 0.22
N ALA D 63 -8.13 0.11 -1.06
CA ALA D 63 -8.19 -1.07 -1.92
C ALA D 63 -6.79 -1.63 -2.12
N GLU D 64 -5.96 -0.93 -2.89
CA GLU D 64 -4.57 -1.32 -3.07
C GLU D 64 -3.73 -0.83 -1.89
N LYS D 65 -2.59 -1.50 -1.70
CA LYS D 65 -1.72 -1.14 -0.59
C LYS D 65 -1.23 0.30 -0.71
N ARG D 66 -1.03 0.79 -1.93
CA ARG D 66 -0.42 2.10 -2.14
C ARG D 66 -1.43 3.24 -2.18
N ALA D 67 -2.66 2.99 -2.63
CA ALA D 67 -3.62 4.06 -2.86
C ALA D 67 -4.54 4.21 -1.66
N TRP D 68 -4.62 5.43 -1.13
CA TRP D 68 -5.59 5.79 -0.11
C TRP D 68 -6.60 6.73 -0.74
N ILE D 69 -7.82 6.25 -0.95
CA ILE D 69 -8.82 6.95 -1.75
C ILE D 69 -9.85 7.59 -0.84
N LEU D 70 -9.96 8.91 -0.92
CA LEU D 70 -11.02 9.67 -0.26
C LEU D 70 -12.17 9.84 -1.24
N ARG D 71 -13.40 9.59 -0.77
CA ARG D 71 -14.59 9.65 -1.60
C ARG D 71 -15.58 10.62 -0.98
N ILE D 72 -16.00 11.61 -1.77
CA ILE D 72 -16.98 12.60 -1.34
C ILE D 72 -18.22 12.41 -2.22
N ARG D 73 -19.26 11.80 -1.67
CA ARG D 73 -20.49 11.59 -2.42
C ARG D 73 -21.38 12.83 -2.36
N ASP D 74 -22.18 13.01 -3.41
CA ASP D 74 -23.08 14.16 -3.51
C ASP D 74 -22.32 15.46 -3.27
N VAL D 75 -21.33 15.71 -4.13
CA VAL D 75 -20.49 16.89 -3.98
C VAL D 75 -21.34 18.16 -4.03
N LYS D 76 -20.89 19.17 -3.28
CA LYS D 76 -21.46 20.51 -3.30
C LYS D 76 -20.39 21.49 -3.74
N GLU D 77 -20.83 22.71 -4.10
CA GLU D 77 -19.85 23.76 -4.35
C GLU D 77 -18.96 23.99 -3.13
N SER D 78 -19.52 23.85 -1.93
CA SER D 78 -18.73 24.12 -0.72
C SER D 78 -17.53 23.18 -0.61
N ASP D 79 -17.51 22.09 -1.36
CA ASP D 79 -16.38 21.16 -1.32
C ASP D 79 -15.21 21.61 -2.20
N LYS D 80 -15.46 22.55 -3.12
CA LYS D 80 -14.38 23.09 -3.93
C LYS D 80 -13.28 23.65 -3.03
N GLY D 81 -12.04 23.30 -3.33
CA GLY D 81 -10.92 23.80 -2.56
C GLY D 81 -9.77 22.79 -2.60
N TRP D 82 -8.75 23.09 -1.80
CA TRP D 82 -7.59 22.21 -1.68
C TRP D 82 -7.84 21.17 -0.60
N TYR D 83 -7.38 19.95 -0.86
CA TYR D 83 -7.39 18.86 0.10
C TYR D 83 -5.95 18.39 0.32
N MET D 84 -5.65 17.95 1.54
CA MET D 84 -4.30 17.60 1.93
C MET D 84 -4.19 16.15 2.35
N CYS D 85 -3.09 15.51 1.96
CA CYS D 85 -2.72 14.18 2.40
C CYS D 85 -1.47 14.29 3.25
N GLN D 86 -1.43 13.57 4.37
CA GLN D 86 -0.40 13.79 5.39
C GLN D 86 0.04 12.46 5.98
N ILE D 87 1.35 12.33 6.23
CA ILE D 87 1.92 11.13 6.85
C ILE D 87 2.56 11.54 8.17
N ASN D 88 2.23 10.80 9.23
CA ASN D 88 2.71 11.19 10.56
C ASN D 88 4.16 10.77 10.77
N THR D 89 5.02 11.10 9.81
CA THR D 89 6.46 10.92 9.99
C THR D 89 7.01 12.04 10.86
N ASP D 90 8.30 11.97 11.15
CA ASP D 90 8.97 12.99 11.96
C ASP D 90 10.30 13.35 11.32
N PRO D 91 10.36 14.53 10.69
CA PRO D 91 9.25 15.48 10.58
C PRO D 91 8.10 14.99 9.69
N MET D 92 6.99 15.71 9.71
CA MET D 92 5.78 15.28 9.02
C MET D 92 5.84 15.64 7.54
N LYS D 93 5.25 14.78 6.71
CA LYS D 93 5.13 14.99 5.27
C LYS D 93 3.68 15.29 4.89
N SER D 94 3.52 16.11 3.84
CA SER D 94 2.19 16.50 3.40
C SER D 94 2.25 16.97 1.95
N GLN D 95 1.36 16.45 1.12
CA GLN D 95 1.15 16.94 -0.23
C GLN D 95 -0.28 17.44 -0.37
N VAL D 96 -0.53 18.22 -1.42
CA VAL D 96 -1.75 19.01 -1.54
C VAL D 96 -2.33 18.87 -2.93
N GLY D 97 -3.65 18.68 -3.02
CA GLY D 97 -4.33 18.62 -4.30
C GLY D 97 -5.61 19.41 -4.26
N TYR D 98 -6.14 19.73 -5.45
CA TYR D 98 -7.29 20.61 -5.58
C TYR D 98 -8.48 19.87 -6.17
N LEU D 99 -9.67 20.12 -5.62
CA LEU D 99 -10.92 19.54 -6.08
C LEU D 99 -11.76 20.63 -6.69
N ASP D 100 -11.85 20.65 -8.02
CA ASP D 100 -12.62 21.65 -8.73
C ASP D 100 -14.04 21.14 -8.92
N VAL D 101 -15.02 21.97 -8.55
CA VAL D 101 -16.43 21.62 -8.69
C VAL D 101 -17.03 22.51 -9.75
N VAL D 102 -17.60 21.89 -10.79
CA VAL D 102 -18.26 22.59 -11.88
C VAL D 102 -19.76 22.42 -11.71
N VAL D 103 -20.50 23.49 -11.94
CA VAL D 103 -21.95 23.51 -11.80
C VAL D 103 -22.55 23.90 -13.14
N PRO D 104 -23.45 23.10 -13.70
CA PRO D 104 -24.08 23.45 -14.98
C PRO D 104 -24.79 24.78 -14.88
N PRO D 105 -25.01 25.47 -16.00
CA PRO D 105 -25.55 26.82 -15.95
C PRO D 105 -27.05 26.85 -15.66
N ASP D 106 -27.48 28.02 -15.19
CA ASP D 106 -28.89 28.27 -14.90
C ASP D 106 -29.18 29.75 -15.14
N ILE D 107 -30.37 30.04 -15.66
CA ILE D 107 -30.74 31.40 -16.06
C ILE D 107 -31.55 32.04 -14.95
N LEU D 108 -31.16 33.24 -14.55
CA LEU D 108 -31.77 33.95 -13.43
C LEU D 108 -32.98 34.76 -13.87
N ASP D 109 -33.91 34.97 -12.94
CA ASP D 109 -35.09 35.76 -13.23
C ASP D 109 -34.77 37.24 -13.42
N TYR D 110 -33.65 37.71 -12.87
CA TYR D 110 -33.20 39.09 -13.02
C TYR D 110 -31.71 39.13 -13.34
N PRO D 111 -31.31 40.01 -14.27
CA PRO D 111 -32.16 40.93 -15.04
C PRO D 111 -32.69 40.34 -16.35
N THR D 112 -32.71 39.01 -16.46
CA THR D 112 -33.20 38.36 -17.67
C THR D 112 -34.54 38.97 -18.09
N SER D 113 -34.66 39.25 -19.39
CA SER D 113 -35.90 39.79 -19.91
C SER D 113 -37.04 38.79 -19.78
N THR D 114 -38.24 39.32 -19.60
CA THR D 114 -39.47 38.55 -19.74
C THR D 114 -40.09 38.90 -21.08
N ASP D 115 -41.22 38.28 -21.41
CA ASP D 115 -41.93 38.63 -22.63
C ASP D 115 -42.11 40.14 -22.72
N MET D 116 -42.02 40.67 -23.95
CA MET D 116 -42.03 42.11 -24.15
C MET D 116 -42.94 42.47 -25.31
N VAL D 117 -43.55 43.64 -25.22
CA VAL D 117 -44.45 44.13 -26.25
C VAL D 117 -44.15 45.60 -26.46
N ILE D 118 -43.67 45.94 -27.65
CA ILE D 118 -43.24 47.30 -27.95
C ILE D 118 -43.82 47.74 -29.28
N ARG D 119 -44.07 49.04 -29.40
CA ARG D 119 -44.57 49.61 -30.64
C ARG D 119 -43.53 49.45 -31.74
N GLU D 120 -43.98 49.09 -32.94
CA GLU D 120 -43.05 48.95 -34.05
C GLU D 120 -42.30 50.25 -34.27
N GLY D 121 -41.03 50.13 -34.63
CA GLY D 121 -40.16 51.28 -34.80
C GLY D 121 -39.40 51.66 -33.55
N SER D 122 -39.95 51.37 -32.37
CA SER D 122 -39.27 51.67 -31.12
C SER D 122 -38.12 50.67 -30.90
N ASN D 123 -37.31 50.96 -29.88
CA ASN D 123 -36.17 50.12 -29.53
C ASN D 123 -36.51 49.23 -28.33
N VAL D 124 -35.65 48.24 -28.11
CA VAL D 124 -35.81 47.31 -27.00
C VAL D 124 -34.46 46.67 -26.73
N THR D 125 -34.32 46.03 -25.56
CA THR D 125 -33.06 45.39 -25.18
C THR D 125 -33.36 44.03 -24.56
N LEU D 126 -32.93 42.97 -25.24
CA LEU D 126 -33.05 41.63 -24.70
C LEU D 126 -31.90 41.37 -23.74
N LYS D 127 -32.22 41.03 -22.50
CA LYS D 127 -31.23 40.77 -21.48
C LYS D 127 -31.34 39.32 -21.02
N CYS D 128 -30.20 38.71 -20.72
CA CYS D 128 -30.18 37.34 -20.21
C CYS D 128 -28.96 37.18 -19.31
N ALA D 129 -29.17 36.58 -18.14
CA ALA D 129 -28.12 36.38 -17.16
C ALA D 129 -28.18 34.95 -16.62
N ALA D 130 -27.02 34.32 -16.49
CA ALA D 130 -26.94 32.94 -16.05
C ALA D 130 -25.76 32.77 -15.11
N THR D 131 -25.84 31.76 -14.26
CA THR D 131 -24.79 31.43 -13.30
C THR D 131 -24.28 30.02 -13.58
N GLY D 132 -22.97 29.84 -13.44
CA GLY D 132 -22.38 28.53 -13.63
C GLY D 132 -20.88 28.59 -13.41
N SER D 133 -20.29 27.40 -13.38
CA SER D 133 -18.84 27.27 -13.24
C SER D 133 -18.34 26.16 -14.15
N PRO D 134 -17.62 26.53 -15.23
CA PRO D 134 -17.16 27.87 -15.59
C PRO D 134 -18.28 28.85 -15.92
N THR D 135 -17.94 30.14 -15.98
CA THR D 135 -18.91 31.18 -16.29
C THR D 135 -19.54 30.90 -17.65
N PRO D 136 -20.85 30.68 -17.73
CA PRO D 136 -21.46 30.31 -19.00
C PRO D 136 -21.47 31.48 -19.99
N THR D 137 -21.37 31.13 -21.26
CA THR D 137 -21.51 32.09 -22.34
C THR D 137 -22.95 32.07 -22.85
N ILE D 138 -23.44 33.23 -23.28
CA ILE D 138 -24.84 33.43 -23.60
C ILE D 138 -24.97 33.68 -25.10
N THR D 139 -25.78 32.84 -25.75
CA THR D 139 -26.01 32.92 -27.20
C THR D 139 -27.48 33.13 -27.47
N TRP D 140 -27.80 34.15 -28.27
CA TRP D 140 -29.17 34.44 -28.68
C TRP D 140 -29.44 33.87 -30.06
N ARG D 141 -30.54 33.11 -30.18
CA ARG D 141 -31.06 32.64 -31.46
C ARG D 141 -32.55 32.90 -31.51
N ARG D 142 -33.11 32.84 -32.72
CA ARG D 142 -34.54 32.96 -32.93
C ARG D 142 -35.11 31.63 -33.39
N GLU D 143 -36.32 31.31 -32.95
CA GLU D 143 -36.97 30.09 -33.42
C GLU D 143 -37.02 30.08 -34.94
N GLY D 144 -36.70 28.94 -35.54
CA GLY D 144 -36.64 28.83 -36.98
C GLY D 144 -35.42 29.44 -37.61
N GLY D 145 -34.41 29.79 -36.83
CA GLY D 145 -33.18 30.35 -37.36
C GLY D 145 -33.30 31.71 -37.98
N GLU D 146 -34.37 32.45 -37.70
CA GLU D 146 -34.54 33.76 -38.27
C GLU D 146 -33.36 34.66 -37.93
N LEU D 147 -33.21 35.73 -38.71
CA LEU D 147 -32.10 36.65 -38.53
C LEU D 147 -32.31 37.54 -37.31
N ILE D 148 -31.22 37.97 -36.70
CA ILE D 148 -31.21 38.85 -35.55
C ILE D 148 -30.56 40.16 -35.98
N PRO D 149 -31.22 41.30 -35.81
CA PRO D 149 -30.59 42.59 -36.14
C PRO D 149 -29.43 42.91 -35.22
N LEU D 150 -28.21 42.76 -35.71
CA LEU D 150 -27.03 43.03 -34.89
C LEU D 150 -26.84 44.54 -34.73
N PRO D 151 -26.27 44.97 -33.60
CA PRO D 151 -26.17 46.40 -33.32
C PRO D 151 -25.46 47.20 -34.40
N ASN D 152 -24.55 46.58 -35.14
CA ASN D 152 -23.75 47.28 -36.14
C ASN D 152 -24.42 47.33 -37.51
N GLY D 153 -25.75 47.37 -37.56
CA GLY D 153 -26.46 47.42 -38.81
C GLY D 153 -26.48 46.13 -39.61
N ALA D 154 -25.72 45.12 -39.21
CA ALA D 154 -25.67 43.84 -39.89
C ALA D 154 -26.79 42.93 -39.35
N GLU D 155 -26.78 41.67 -39.76
CA GLU D 155 -27.79 40.72 -39.31
C GLU D 155 -27.21 39.32 -39.33
N ALA D 156 -27.49 38.54 -38.28
CA ALA D 156 -26.95 37.20 -38.15
C ALA D 156 -28.00 36.27 -37.55
N VAL D 157 -27.71 34.97 -37.61
CA VAL D 157 -28.63 34.00 -37.02
C VAL D 157 -28.39 33.81 -35.53
N ALA D 158 -27.21 34.20 -35.03
CA ALA D 158 -26.87 34.05 -33.63
C ALA D 158 -26.19 35.33 -33.15
N TYR D 159 -26.06 35.44 -31.83
CA TYR D 159 -25.40 36.60 -31.22
C TYR D 159 -24.95 36.23 -29.83
N ASN D 160 -23.68 36.50 -29.53
CA ASN D 160 -23.13 36.24 -28.21
C ASN D 160 -23.14 37.51 -27.37
N GLY D 161 -23.41 37.34 -26.08
CA GLY D 161 -23.54 38.47 -25.17
C GLY D 161 -24.82 38.35 -24.36
N SER D 162 -24.77 38.86 -23.14
CA SER D 162 -25.93 38.80 -22.27
C SER D 162 -26.91 39.94 -22.52
N PHE D 163 -26.52 40.96 -23.29
CA PHE D 163 -27.39 42.09 -23.61
C PHE D 163 -27.41 42.28 -25.11
N LEU D 164 -28.61 42.29 -25.69
CA LEU D 164 -28.81 42.51 -27.12
C LEU D 164 -29.81 43.64 -27.29
N THR D 165 -29.35 44.78 -27.79
CA THR D 165 -30.20 45.94 -27.99
C THR D 165 -30.56 46.06 -29.47
N ILE D 166 -31.85 46.00 -29.77
CA ILE D 166 -32.37 46.22 -31.11
C ILE D 166 -32.93 47.63 -31.16
N ALA D 167 -32.37 48.46 -32.03
CA ALA D 167 -32.94 49.76 -32.34
C ALA D 167 -33.92 49.61 -33.49
N LYS D 168 -35.01 50.37 -33.43
CA LYS D 168 -36.02 50.28 -34.47
C LYS D 168 -36.44 48.84 -34.70
N VAL D 169 -37.32 48.32 -33.84
CA VAL D 169 -37.82 46.96 -33.98
C VAL D 169 -38.84 46.93 -35.12
N ASN D 170 -38.69 45.96 -36.01
CA ASN D 170 -39.56 45.80 -37.16
C ASN D 170 -40.47 44.60 -36.98
N ARG D 171 -41.63 44.63 -37.64
CA ARG D 171 -42.56 43.52 -37.53
C ARG D 171 -41.92 42.21 -37.94
N LEU D 172 -40.87 42.27 -38.77
CA LEU D 172 -40.14 41.06 -39.14
C LEU D 172 -39.24 40.56 -38.02
N ASN D 173 -38.84 41.43 -37.10
CA ASN D 173 -38.09 41.03 -35.91
C ASN D 173 -38.96 40.34 -34.87
N MET D 174 -40.28 40.44 -34.98
CA MET D 174 -41.18 39.84 -34.01
C MET D 174 -41.06 38.32 -34.01
N GLY D 175 -41.19 37.74 -32.83
CA GLY D 175 -41.19 36.29 -32.69
C GLY D 175 -40.61 35.86 -31.36
N ALA D 176 -40.41 34.56 -31.23
CA ALA D 176 -39.80 33.98 -30.06
C ALA D 176 -38.29 34.03 -30.17
N TYR D 177 -37.64 34.63 -29.18
CA TYR D 177 -36.20 34.63 -29.06
C TYR D 177 -35.77 33.64 -27.99
N LEU D 178 -34.67 32.95 -28.24
CA LEU D 178 -34.11 32.00 -27.29
C LEU D 178 -32.81 32.56 -26.73
N CYS D 179 -32.66 32.45 -25.42
CA CYS D 179 -31.39 32.71 -24.76
C CYS D 179 -30.80 31.36 -24.37
N ILE D 180 -29.57 31.10 -24.81
CA ILE D 180 -28.93 29.81 -24.58
C ILE D 180 -27.67 30.08 -23.76
N ALA D 181 -27.65 29.57 -22.54
CA ALA D 181 -26.49 29.69 -21.66
C ALA D 181 -25.82 28.33 -21.56
N SER D 182 -24.57 28.25 -21.99
CA SER D 182 -23.80 27.02 -21.94
C SER D 182 -22.43 27.30 -21.33
N ASN D 183 -21.84 26.25 -20.75
CA ASN D 183 -20.51 26.37 -20.16
C ASN D 183 -19.67 25.11 -20.35
N GLY D 184 -20.15 24.14 -21.12
CA GLY D 184 -19.44 22.88 -21.28
C GLY D 184 -19.87 21.79 -20.34
N ILE D 185 -20.64 22.12 -19.31
CA ILE D 185 -21.16 21.15 -18.34
C ILE D 185 -22.66 20.97 -18.62
N PRO D 186 -23.11 19.76 -18.93
CA PRO D 186 -24.54 19.52 -19.18
C PRO D 186 -25.37 19.64 -17.91
N PRO D 187 -26.67 19.92 -18.05
CA PRO D 187 -27.26 20.18 -19.36
C PRO D 187 -27.31 21.66 -19.70
N THR D 188 -27.08 22.01 -20.96
CA THR D 188 -27.26 23.39 -21.40
C THR D 188 -28.72 23.79 -21.24
N VAL D 189 -28.95 25.02 -20.78
CA VAL D 189 -30.31 25.51 -20.53
C VAL D 189 -30.57 26.74 -21.41
N SER D 190 -31.85 27.04 -21.57
CA SER D 190 -32.29 28.12 -22.44
C SER D 190 -33.63 28.64 -21.95
N LYS D 191 -33.89 29.92 -22.20
CA LYS D 191 -35.15 30.54 -21.84
C LYS D 191 -35.75 31.23 -23.05
N ARG D 192 -37.05 31.03 -23.27
CA ARG D 192 -37.75 31.68 -24.36
C ARG D 192 -38.19 33.07 -23.95
N VAL D 193 -37.89 34.06 -24.79
CA VAL D 193 -38.32 35.44 -24.59
C VAL D 193 -39.07 35.87 -25.84
N MET D 194 -40.33 36.27 -25.67
CA MET D 194 -41.14 36.72 -26.79
C MET D 194 -40.92 38.20 -27.04
N LEU D 195 -40.72 38.55 -28.29
CA LEU D 195 -40.62 39.95 -28.70
C LEU D 195 -41.84 40.22 -29.59
N ILE D 196 -42.83 40.90 -29.02
CA ILE D 196 -44.07 41.20 -29.72
C ILE D 196 -44.05 42.64 -30.18
N VAL D 197 -44.43 42.87 -31.44
CA VAL D 197 -44.41 44.17 -32.06
C VAL D 197 -45.84 44.52 -32.47
N HIS D 198 -46.35 45.62 -31.94
CA HIS D 198 -47.68 46.11 -32.29
C HIS D 198 -47.57 47.18 -33.37
N PHE D 199 -48.53 47.15 -34.30
CA PHE D 199 -48.52 48.10 -35.41
C PHE D 199 -49.91 48.15 -36.02
N PRO D 200 -50.33 49.29 -36.56
CA PRO D 200 -51.68 49.41 -37.12
C PRO D 200 -51.80 48.67 -38.44
N PRO D 201 -53.02 48.38 -38.87
CA PRO D 201 -53.20 47.50 -40.04
C PRO D 201 -52.86 48.19 -41.34
N MET D 202 -52.42 47.38 -42.30
CA MET D 202 -52.21 47.83 -43.67
C MET D 202 -52.91 46.85 -44.60
N ILE D 203 -53.34 47.37 -45.75
CA ILE D 203 -54.15 46.60 -46.70
C ILE D 203 -53.51 46.63 -48.07
N TRP D 204 -53.47 45.47 -48.72
CA TRP D 204 -53.14 45.35 -50.13
C TRP D 204 -54.31 44.68 -50.85
N ILE D 205 -54.53 45.08 -52.09
CA ILE D 205 -55.59 44.50 -52.92
C ILE D 205 -55.00 44.24 -54.30
N GLN D 206 -54.97 42.98 -54.70
CA GLN D 206 -54.39 42.64 -56.00
C GLN D 206 -55.27 43.16 -57.13
N ASN D 207 -56.50 42.68 -57.21
CA ASN D 207 -57.45 43.11 -58.23
C ASN D 207 -58.44 44.08 -57.58
N GLN D 208 -58.25 45.37 -57.83
CA GLN D 208 -59.20 46.39 -57.40
C GLN D 208 -60.30 46.63 -58.43
N LEU D 209 -60.36 45.81 -59.48
CA LEU D 209 -61.33 46.00 -60.56
C LEU D 209 -61.57 44.64 -61.20
N VAL D 210 -62.73 44.05 -60.91
CA VAL D 210 -63.10 42.73 -61.43
C VAL D 210 -64.59 42.71 -61.70
N GLY D 211 -64.99 42.03 -62.80
CA GLY D 211 -66.38 41.92 -63.16
C GLY D 211 -66.77 40.47 -63.38
N ALA D 212 -68.07 40.24 -63.51
CA ALA D 212 -68.62 38.91 -63.69
C ALA D 212 -70.07 39.02 -64.15
N ALA D 213 -70.64 37.88 -64.52
CA ALA D 213 -72.01 37.81 -64.99
C ALA D 213 -72.97 37.55 -63.83
N LEU D 214 -74.26 37.69 -64.11
CA LEU D 214 -75.27 37.54 -63.07
C LEU D 214 -75.32 36.10 -62.56
N THR D 215 -75.36 35.13 -63.48
CA THR D 215 -75.57 33.74 -63.11
C THR D 215 -74.29 33.10 -62.59
N GLN D 216 -73.36 33.92 -62.11
CA GLN D 216 -72.04 33.44 -61.70
C GLN D 216 -71.82 33.71 -60.21
N ASN D 217 -71.03 32.82 -59.61
CA ASN D 217 -70.51 33.02 -58.26
C ASN D 217 -69.08 33.55 -58.34
N ILE D 218 -68.75 34.50 -57.48
CA ILE D 218 -67.43 35.13 -57.50
C ILE D 218 -67.06 35.55 -56.08
N THR D 219 -65.78 35.84 -55.88
CA THR D 219 -65.25 36.17 -54.57
C THR D 219 -64.25 37.31 -54.68
N LEU D 220 -64.38 38.29 -53.79
CA LEU D 220 -63.40 39.37 -53.67
C LEU D 220 -62.34 38.98 -52.64
N GLU D 221 -61.13 39.52 -52.82
CA GLU D 221 -60.00 39.11 -52.01
C GLU D 221 -59.13 40.31 -51.64
N CYS D 222 -58.92 40.51 -50.35
CA CYS D 222 -57.97 41.49 -49.83
C CYS D 222 -56.92 40.78 -48.97
N GLN D 223 -55.83 41.49 -48.69
CA GLN D 223 -54.79 41.00 -47.81
C GLN D 223 -54.36 42.12 -46.88
N SER D 224 -54.23 41.82 -45.59
CA SER D 224 -53.85 42.81 -44.61
C SER D 224 -52.68 42.31 -43.76
N GLU D 225 -52.10 43.24 -43.01
CA GLU D 225 -51.11 42.93 -41.99
C GLU D 225 -51.38 43.84 -40.80
N ALA D 226 -51.34 43.27 -39.60
CA ALA D 226 -51.63 44.02 -38.39
C ALA D 226 -51.43 43.14 -37.17
N TYR D 227 -50.97 43.74 -36.07
CA TYR D 227 -50.83 43.01 -34.82
C TYR D 227 -50.96 43.98 -33.65
N PRO D 228 -51.82 43.67 -32.69
CA PRO D 228 -52.59 42.41 -32.61
C PRO D 228 -53.54 42.19 -33.77
N LYS D 229 -53.93 40.94 -34.01
CA LYS D 229 -54.79 40.58 -35.13
C LYS D 229 -55.90 41.59 -35.30
N SER D 230 -56.15 41.96 -36.55
CA SER D 230 -57.17 42.96 -36.85
C SER D 230 -58.54 42.28 -37.02
N ILE D 231 -59.58 43.09 -36.82
CA ILE D 231 -60.95 42.69 -37.10
C ILE D 231 -61.29 43.19 -38.50
N ASN D 232 -61.64 42.26 -39.39
CA ASN D 232 -61.84 42.58 -40.80
C ASN D 232 -63.28 42.32 -41.21
N TYR D 233 -63.89 43.31 -41.87
CA TYR D 233 -65.23 43.17 -42.42
C TYR D 233 -65.31 43.89 -43.75
N TRP D 234 -66.42 43.68 -44.46
CA TRP D 234 -66.68 44.27 -45.75
C TRP D 234 -67.73 45.38 -45.62
N MET D 235 -68.00 46.06 -46.74
CA MET D 235 -69.01 47.09 -46.77
C MET D 235 -69.54 47.22 -48.20
N LYS D 236 -70.48 48.15 -48.38
CA LYS D 236 -71.03 48.46 -49.69
C LYS D 236 -72.10 49.54 -49.50
N ASN D 237 -72.04 50.60 -50.30
CA ASN D 237 -72.95 51.75 -50.13
C ASN D 237 -72.87 52.29 -48.71
N ASP D 238 -71.77 52.01 -48.01
CA ASP D 238 -71.56 52.45 -46.63
C ASP D 238 -72.45 51.70 -45.63
N THR D 239 -72.79 50.45 -45.95
CA THR D 239 -73.57 49.61 -45.05
C THR D 239 -72.80 48.34 -44.75
N ILE D 240 -72.70 47.99 -43.47
CA ILE D 240 -71.94 46.82 -43.06
C ILE D 240 -72.60 45.58 -43.63
N ILE D 241 -71.88 44.86 -44.49
CA ILE D 241 -72.38 43.63 -45.08
C ILE D 241 -72.49 42.57 -43.99
N VAL D 242 -73.70 42.07 -43.78
CA VAL D 242 -73.95 40.98 -42.83
C VAL D 242 -74.10 39.68 -43.62
N PRO D 243 -73.62 38.55 -43.10
CA PRO D 243 -73.63 37.31 -43.89
C PRO D 243 -75.01 36.66 -43.99
N GLY D 244 -75.74 36.98 -45.05
CA GLY D 244 -77.01 36.35 -45.34
C GLY D 244 -76.85 35.07 -46.13
N GLU D 245 -77.92 34.71 -46.86
CA GLU D 245 -77.85 33.54 -47.73
C GLU D 245 -76.93 33.80 -48.92
N ARG D 246 -76.84 35.04 -49.39
CA ARG D 246 -76.02 35.39 -50.53
C ARG D 246 -74.62 35.82 -50.14
N PHE D 247 -74.50 36.63 -49.08
CA PHE D 247 -73.22 37.16 -48.63
C PHE D 247 -72.63 36.28 -47.54
N VAL D 248 -71.36 35.91 -47.69
CA VAL D 248 -70.67 35.06 -46.72
C VAL D 248 -69.21 35.50 -46.63
N PRO D 249 -68.89 36.45 -45.75
CA PRO D 249 -67.49 36.88 -45.61
C PRO D 249 -66.68 35.91 -44.77
N GLU D 250 -65.44 35.67 -45.21
CA GLU D 250 -64.53 34.74 -44.57
C GLU D 250 -63.25 35.45 -44.17
N THR D 251 -62.41 34.75 -43.41
CA THR D 251 -61.09 35.24 -43.04
C THR D 251 -60.18 34.05 -42.80
N PHE D 252 -58.98 34.09 -43.37
CA PHE D 252 -57.97 33.05 -43.19
C PHE D 252 -56.75 33.71 -42.57
N GLU D 253 -56.63 33.61 -41.24
CA GLU D 253 -55.61 34.31 -40.49
C GLU D 253 -54.40 33.41 -40.25
N SER D 254 -53.20 34.00 -40.35
CA SER D 254 -51.95 33.26 -40.18
C SER D 254 -50.91 34.22 -39.60
N GLY D 255 -50.73 34.15 -38.28
CA GLY D 255 -49.80 35.06 -37.64
C GLY D 255 -50.39 36.46 -37.57
N TYR D 256 -49.62 37.46 -38.00
CA TYR D 256 -50.12 38.81 -38.12
C TYR D 256 -50.67 39.12 -39.50
N LYS D 257 -50.82 38.10 -40.35
CA LYS D 257 -51.37 38.25 -41.68
C LYS D 257 -52.83 37.81 -41.71
N ILE D 258 -53.60 38.42 -42.61
CA ILE D 258 -55.00 38.06 -42.82
C ILE D 258 -55.30 38.18 -44.32
N THR D 259 -56.01 37.19 -44.85
CA THR D 259 -56.43 37.17 -46.24
C THR D 259 -57.95 37.01 -46.26
N MET D 260 -58.66 38.13 -46.28
CA MET D 260 -60.12 38.13 -46.19
C MET D 260 -60.74 37.99 -47.57
N ARG D 261 -61.88 37.29 -47.62
CA ARG D 261 -62.62 37.09 -48.85
C ARG D 261 -64.10 37.37 -48.59
N LEU D 262 -64.83 37.57 -49.69
CA LEU D 262 -66.27 37.71 -49.65
C LEU D 262 -66.86 36.96 -50.83
N THR D 263 -67.81 36.07 -50.56
CA THR D 263 -68.42 35.22 -51.58
C THR D 263 -69.89 35.61 -51.74
N ILE D 264 -70.24 36.08 -52.93
CA ILE D 264 -71.63 36.38 -53.29
C ILE D 264 -72.06 35.40 -54.37
N TYR D 265 -73.06 34.59 -54.07
CA TYR D 265 -73.57 33.64 -55.04
C TYR D 265 -74.58 34.32 -55.97
N GLU D 266 -74.60 33.87 -57.22
CA GLU D 266 -75.52 34.39 -58.24
C GLU D 266 -75.71 35.90 -58.12
N VAL D 267 -74.71 36.66 -58.53
CA VAL D 267 -74.77 38.11 -58.36
C VAL D 267 -75.92 38.68 -59.18
N ASP D 268 -76.77 39.47 -58.53
CA ASP D 268 -77.87 40.16 -59.19
C ASP D 268 -77.38 41.48 -59.78
N ILE D 269 -78.31 42.30 -60.26
CA ILE D 269 -77.96 43.64 -60.72
C ILE D 269 -77.82 44.62 -59.56
N GLN D 270 -78.45 44.33 -58.42
CA GLN D 270 -78.34 45.16 -57.23
C GLN D 270 -77.03 44.95 -56.48
N ASP D 271 -76.16 44.07 -56.97
CA ASP D 271 -74.90 43.74 -56.32
C ASP D 271 -73.71 44.50 -56.90
N PHE D 272 -73.67 44.69 -58.22
CA PHE D 272 -72.59 45.44 -58.85
C PHE D 272 -72.49 46.83 -58.23
N GLY D 273 -71.37 47.10 -57.55
CA GLY D 273 -71.20 48.38 -56.89
C GLY D 273 -69.78 48.63 -56.42
N ALA D 274 -69.64 49.37 -55.32
CA ALA D 274 -68.34 49.76 -54.77
C ALA D 274 -68.19 49.13 -53.40
N TYR D 275 -67.47 48.01 -53.35
CA TYR D 275 -67.19 47.32 -52.10
C TYR D 275 -65.94 47.91 -51.43
N ARG D 276 -65.71 47.50 -50.19
CA ARG D 276 -64.59 48.02 -49.40
C ARG D 276 -64.28 47.06 -48.27
N CYS D 277 -63.06 46.52 -48.25
CA CYS D 277 -62.61 45.70 -47.13
C CYS D 277 -61.94 46.58 -46.09
N VAL D 278 -62.34 46.39 -44.82
CA VAL D 278 -61.87 47.21 -43.72
C VAL D 278 -61.15 46.33 -42.70
N ALA D 279 -60.02 46.82 -42.20
CA ALA D 279 -59.27 46.14 -41.16
C ALA D 279 -59.07 47.12 -40.01
N LYS D 280 -59.13 46.60 -38.78
CA LYS D 280 -59.11 47.46 -37.61
C LYS D 280 -58.46 46.72 -36.44
N ASN D 281 -57.63 47.43 -35.68
CA ASN D 281 -57.02 46.89 -34.47
C ASN D 281 -56.84 48.04 -33.48
N SER D 282 -56.30 47.71 -32.31
CA SER D 282 -56.22 48.65 -31.19
C SER D 282 -55.34 49.86 -31.49
N LEU D 283 -54.79 49.95 -32.70
CA LEU D 283 -53.87 51.03 -33.05
C LEU D 283 -54.25 51.78 -34.31
N GLY D 284 -55.37 51.45 -34.94
CA GLY D 284 -55.77 52.14 -36.15
C GLY D 284 -56.65 51.24 -37.00
N ASP D 285 -57.07 51.79 -38.14
CA ASP D 285 -57.90 51.08 -39.08
C ASP D 285 -57.46 51.42 -40.50
N THR D 286 -58.06 50.75 -41.47
CA THR D 286 -57.73 50.98 -42.87
C THR D 286 -58.77 50.28 -43.73
N ASP D 287 -58.94 50.79 -44.96
CA ASP D 287 -59.91 50.26 -45.90
C ASP D 287 -59.27 50.14 -47.26
N GLY D 288 -59.91 49.35 -48.13
CA GLY D 288 -59.45 49.17 -49.50
C GLY D 288 -60.58 49.05 -50.48
N ALA D 289 -60.56 49.86 -51.53
CA ALA D 289 -61.68 49.95 -52.46
C ALA D 289 -61.56 48.89 -53.56
N ILE D 290 -62.67 48.21 -53.84
CA ILE D 290 -62.79 47.32 -54.99
C ILE D 290 -64.05 47.68 -55.76
N LYS D 291 -63.99 47.56 -57.08
CA LYS D 291 -65.12 47.89 -57.94
C LYS D 291 -65.57 46.65 -58.69
N LEU D 292 -66.87 46.35 -58.58
CA LEU D 292 -67.50 45.24 -59.28
C LEU D 292 -68.41 45.79 -60.38
N TYR D 293 -68.26 45.29 -61.59
CA TYR D 293 -68.93 45.85 -62.76
C TYR D 293 -69.61 44.75 -63.57
N HIS D 294 -70.33 45.18 -64.61
CA HIS D 294 -71.02 44.27 -65.52
C HIS D 294 -70.13 44.00 -66.73
N ILE D 295 -70.05 42.73 -67.10
CA ILE D 295 -69.19 42.33 -68.22
C ILE D 295 -69.83 42.71 -69.55
C1 NAG E . 13.65 -43.54 12.92
C2 NAG E . 14.03 -42.78 14.19
C3 NAG E . 15.17 -41.81 13.91
C4 NAG E . 16.34 -42.55 13.27
C5 NAG E . 15.87 -43.32 12.04
C6 NAG E . 16.96 -44.17 11.41
C7 NAG E . 12.04 -42.59 15.63
C8 NAG E . 10.91 -41.72 16.07
N2 NAG E . 12.88 -42.07 14.73
O3 NAG E . 15.58 -41.20 15.12
O4 NAG E . 17.36 -41.63 12.89
O5 NAG E . 14.81 -44.21 12.40
O6 NAG E . 17.48 -45.11 12.34
O7 NAG E . 12.20 -43.73 16.08
C1 NAG E . 18.60 -42.04 13.48
C2 NAG E . 19.75 -41.49 12.64
C3 NAG E . 21.09 -41.85 13.26
C4 NAG E . 21.14 -41.41 14.72
C5 NAG E . 19.94 -41.96 15.48
C6 NAG E . 19.86 -41.47 16.91
C7 NAG E . 19.21 -41.23 10.25
C8 NAG E . 19.20 -41.90 8.91
N2 NAG E . 19.67 -41.98 11.27
O3 NAG E . 22.15 -41.23 12.53
O4 NAG E . 22.34 -41.86 15.33
O5 NAG E . 18.72 -41.56 14.83
O6 NAG E . 18.62 -41.83 17.51
O7 NAG E . 18.79 -40.09 10.42
C1 FUC E . 17.41 -46.43 11.76
C2 FUC E . 18.19 -47.38 12.69
C3 FUC E . 17.53 -48.76 12.79
C4 FUC E . 16.08 -48.65 13.32
C5 FUC E . 15.43 -47.35 12.81
C6 FUC E . 13.95 -47.52 12.49
O2 FUC E . 18.41 -46.81 13.97
O3 FUC E . 17.50 -49.39 11.50
O4 FUC E . 15.31 -49.76 12.90
O5 FUC E . 16.06 -46.86 11.62
C1 NAG F . -9.36 -70.26 18.80
C2 NAG F . -10.03 -69.49 17.69
C3 NAG F . -8.97 -68.93 16.75
C4 NAG F . -8.01 -68.04 17.55
C5 NAG F . -7.46 -68.79 18.76
C6 NAG F . -6.71 -67.91 19.72
C7 NAG F . -10.66 -71.27 16.10
C8 NAG F . -11.81 -72.01 15.47
N2 NAG F . -10.99 -70.31 16.97
O3 NAG F . -9.59 -68.20 15.71
O4 NAG F . -6.91 -67.66 16.75
O5 NAG F . -8.53 -69.39 19.52
O6 NAG F . -7.13 -66.56 19.62
O7 NAG F . -9.48 -71.53 15.82
C1 NAG F . -7.09 -66.39 16.11
C2 NAG F . -5.72 -65.79 15.85
C3 NAG F . -5.84 -64.49 15.07
C4 NAG F . -6.67 -64.69 13.81
C5 NAG F . -8.01 -65.34 14.16
C6 NAG F . -8.81 -65.71 12.93
C7 NAG F . -4.06 -66.42 17.56
C8 NAG F . -3.41 -66.02 18.84
N2 NAG F . -4.99 -65.57 17.09
O3 NAG F . -4.53 -64.05 14.71
O4 NAG F . -6.92 -63.44 13.17
O5 NAG F . -7.79 -66.56 14.88
O6 NAG F . -10.12 -65.18 12.99
O7 NAG F . -3.76 -67.45 16.96
C1 BMA F . -5.98 -63.25 12.09
C2 BMA F . -6.66 -62.35 11.05
C3 BMA F . -5.68 -62.04 9.91
C4 BMA F . -4.30 -61.57 10.43
C5 BMA F . -3.77 -62.51 11.53
C6 BMA F . -2.50 -61.98 12.19
O2 BMA F . -7.01 -61.10 11.63
O3 BMA F . -6.21 -61.03 9.05
O4 BMA F . -3.37 -61.52 9.36
O5 BMA F . -4.77 -62.66 12.55
O6 BMA F . -1.56 -61.67 11.17
C1 MAN F . -6.81 -61.63 7.88
C2 MAN F . -7.00 -60.51 6.82
C3 MAN F . -8.08 -59.54 7.28
C4 MAN F . -9.38 -60.27 7.70
C5 MAN F . -9.05 -61.36 8.73
C6 MAN F . -10.26 -62.22 9.10
O2 MAN F . -7.45 -61.04 5.58
O3 MAN F . -8.37 -58.57 6.27
O4 MAN F . -10.30 -59.35 8.27
O5 MAN F . -8.05 -62.25 8.19
O6 MAN F . -9.94 -63.00 10.24
C1 FUC F . -7.75 -66.09 20.83
C2 FUC F . -6.70 -66.16 21.94
C3 FUC F . -6.86 -65.02 22.94
C4 FUC F . -8.34 -64.67 23.11
C5 FUC F . -8.88 -64.14 21.79
C6 FUC F . -10.40 -64.32 21.64
O2 FUC F . -5.40 -66.13 21.42
O3 FUC F . -6.36 -65.42 24.20
O4 FUC F . -9.05 -65.82 23.49
O5 FUC F . -8.25 -64.78 20.64
C1 NAG G . 18.84 -31.03 -21.31
C2 NAG G . 20.19 -31.58 -21.75
C3 NAG G . 21.12 -31.74 -20.54
C4 NAG G . 21.17 -30.46 -19.71
C5 NAG G . 19.76 -29.99 -19.38
C6 NAG G . 19.74 -28.65 -18.67
C7 NAG G . 19.96 -32.97 -23.76
C8 NAG G . 20.00 -31.69 -24.54
N2 NAG G . 20.04 -32.87 -22.43
O3 NAG G . 22.43 -32.05 -20.99
O4 NAG G . 21.79 -30.73 -18.47
O5 NAG G . 19.02 -29.83 -20.59
O6 NAG G . 20.46 -27.66 -19.40
O7 NAG G . 19.83 -34.07 -24.32
C1 NAG G . 23.02 -30.01 -18.38
C2 NAG G . 23.30 -29.83 -16.89
C3 NAG G . 24.67 -29.21 -16.68
C4 NAG G . 25.74 -30.03 -17.40
C5 NAG G . 25.36 -30.17 -18.87
C6 NAG G . 26.31 -31.06 -19.64
C7 NAG G . 21.70 -29.28 -15.10
C8 NAG G . 20.66 -28.30 -14.62
N2 NAG G . 22.27 -28.99 -16.28
O3 NAG G . 24.96 -29.21 -15.28
O4 NAG G . 27.00 -29.42 -17.28
O5 NAG G . 24.06 -30.76 -18.98
O6 NAG G . 26.14 -32.43 -19.29
O7 NAG G . 22.01 -30.27 -14.45
C1 BMA G . 27.76 -30.24 -16.37
C2 BMA G . 29.15 -30.45 -16.99
C3 BMA G . 29.97 -31.32 -16.04
C4 BMA G . 30.00 -30.70 -14.62
C5 BMA G . 28.56 -30.47 -14.12
C6 BMA G . 28.50 -29.79 -12.75
O2 BMA G . 29.83 -29.22 -17.13
O3 BMA G . 31.29 -31.52 -16.53
O4 BMA G . 30.67 -31.58 -13.72
O5 BMA G . 27.88 -29.64 -15.07
O6 BMA G . 29.54 -28.82 -12.69
C1 FUC G . 19.71 -26.43 -19.40
C2 FUC G . 20.70 -25.29 -19.70
C3 FUC G . 21.23 -25.43 -21.13
C4 FUC G . 20.07 -25.46 -22.14
C5 FUC G . 19.07 -26.56 -21.75
C6 FUC G . 17.78 -26.54 -22.57
O2 FUC G . 21.77 -25.26 -18.74
O3 FUC G . 22.08 -24.33 -21.45
O4 FUC G . 19.41 -24.19 -22.17
O5 FUC G . 18.66 -26.45 -20.37
C1 NAG H . 45.73 -2.94 -1.40
C2 NAG H . 45.88 -3.25 0.10
C3 NAG H . 47.21 -3.96 0.36
C4 NAG H . 47.36 -5.18 -0.55
C5 NAG H . 47.16 -4.78 -2.01
C6 NAG H . 47.17 -5.96 -2.95
C7 NAG H . 44.64 -1.41 1.14
C8 NAG H . 44.74 -0.18 2.00
N2 NAG H . 45.80 -2.05 0.90
O3 NAG H . 47.27 -4.37 1.72
O4 NAG H . 48.66 -5.74 -0.40
O5 NAG H . 45.88 -4.15 -2.16
O6 NAG H . 46.57 -5.64 -4.19
O7 NAG H . 43.57 -1.80 0.68
C1 FUC H . 45.69 -6.73 -4.59
C2 FUC H . 45.68 -6.76 -6.15
C3 FUC H . 44.74 -7.88 -6.67
C4 FUC H . 44.41 -8.90 -5.56
C5 FUC H . 45.67 -9.16 -4.71
C6 FUC H . 45.47 -10.22 -3.64
O2 FUC H . 46.99 -6.89 -6.71
O3 FUC H . 43.52 -7.30 -7.16
O4 FUC H . 43.37 -8.41 -4.74
O5 FUC H . 46.12 -7.96 -4.04
C1 NAG I . 33.40 -12.20 -21.22
C2 NAG I . 34.43 -12.21 -22.34
C3 NAG I . 33.75 -12.34 -23.70
C4 NAG I . 32.79 -13.52 -23.73
C5 NAG I . 31.82 -13.42 -22.55
C6 NAG I . 30.90 -14.62 -22.43
C7 NAG I . 36.30 -10.87 -21.48
C8 NAG I . 37.03 -9.56 -21.56
N2 NAG I . 35.25 -11.01 -22.30
O3 NAG I . 34.73 -12.50 -24.72
O4 NAG I . 32.04 -13.51 -24.93
O5 NAG I . 32.55 -13.36 -21.32
O6 NAG I . 31.44 -15.76 -23.10
O7 NAG I . 36.64 -11.76 -20.70
C1 NAG I . 32.23 -14.74 -25.65
C2 NAG I . 30.98 -15.02 -26.49
C3 NAG I . 31.16 -16.27 -27.35
C4 NAG I . 32.45 -16.17 -28.16
C5 NAG I . 33.62 -15.90 -27.23
C6 NAG I . 34.93 -15.71 -27.96
C7 NAG I . 28.59 -14.72 -25.97
C8 NAG I . 27.51 -14.95 -24.97
N2 NAG I . 29.80 -15.16 -25.64
O3 NAG I . 30.05 -16.43 -28.21
O4 NAG I . 32.67 -17.38 -28.87
O5 NAG I . 33.38 -14.68 -26.50
O6 NAG I . 36.03 -15.77 -27.06
O7 NAG I . 28.38 -14.15 -27.03
C1 FUC I . 31.62 -16.82 -22.15
C2 FUC I . 30.27 -17.03 -21.42
C3 FUC I . 30.40 -18.09 -20.33
C4 FUC I . 31.64 -18.98 -20.57
C5 FUC I . 31.79 -19.23 -22.07
C6 FUC I . 32.95 -20.18 -22.40
O2 FUC I . 29.20 -17.33 -22.31
O3 FUC I . 30.52 -17.48 -19.05
O4 FUC I . 32.79 -18.33 -20.05
O5 FUC I . 32.04 -18.02 -22.79
C1 NAG J . 46.71 46.57 -24.91
C2 NAG J . 46.63 46.76 -26.44
C3 NAG J . 45.90 48.06 -26.77
C4 NAG J . 44.56 48.13 -26.06
C5 NAG J . 44.76 47.90 -24.56
C6 NAG J . 43.46 47.89 -23.77
C7 NAG J . 48.30 45.92 -28.01
C8 NAG J . 49.71 46.05 -28.51
N2 NAG J . 47.94 46.75 -27.03
O3 NAG J . 45.69 48.13 -28.18
O4 NAG J . 43.95 49.41 -26.26
O5 NAG J . 45.39 46.64 -24.36
O6 NAG J . 42.44 47.13 -24.41
O7 NAG J . 47.52 45.11 -28.49
C1 NAG J . 42.83 49.28 -27.14
C2 NAG J . 42.07 50.61 -27.18
C3 NAG J . 40.91 50.53 -28.17
C4 NAG J . 41.40 50.06 -29.53
C5 NAG J . 42.16 48.75 -29.39
C6 NAG J . 42.75 48.27 -30.70
C7 NAG J . 42.40 51.46 -24.90
C8 NAG J . 41.74 51.80 -23.60
N2 NAG J . 41.60 50.98 -25.86
O3 NAG J . 40.29 51.81 -28.27
O4 NAG J . 40.30 49.90 -30.41
O5 NAG J . 43.25 48.91 -28.47
O6 NAG J . 44.00 48.89 -30.97
O7 NAG J . 43.61 51.59 -25.07
C1 FUC J . 42.30 45.85 -23.75
C2 FUC J . 41.61 46.02 -22.35
C3 FUC J . 40.12 46.38 -22.50
C4 FUC J . 39.42 45.34 -23.39
C5 FUC J . 40.17 45.22 -24.74
C6 FUC J . 39.61 44.11 -25.63
O2 FUC J . 42.27 46.94 -21.47
O3 FUC J . 39.49 46.34 -21.22
O4 FUC J . 39.38 44.09 -22.75
O5 FUC J . 41.58 44.94 -24.57
C1 NAG K . -2.32 36.68 23.93
C2 NAG K . -2.96 37.98 24.42
C3 NAG K . -3.11 38.98 23.27
C4 NAG K . -1.77 39.18 22.56
C5 NAG K . -1.21 37.83 22.13
C6 NAG K . 0.15 37.93 21.49
C7 NAG K . -4.43 37.50 26.35
C8 NAG K . -5.84 37.25 26.79
N2 NAG K . -4.26 37.71 25.03
O3 NAG K . -3.56 40.22 23.79
O4 NAG K . -1.95 39.99 21.42
O5 NAG K . -1.07 36.97 23.27
O6 NAG K . 1.08 38.59 22.35
O7 NAG K . -3.49 37.50 27.13
C1 NAG K . -1.16 41.18 21.54
C2 NAG K . -0.69 41.62 20.15
C3 NAG K . 0.09 42.92 20.24
C4 NAG K . -0.72 43.98 20.97
C5 NAG K . -1.18 43.46 22.33
C6 NAG K . -2.09 44.41 23.06
C7 NAG K . -0.38 39.73 18.62
C8 NAG K . 0.58 38.72 18.06
N2 NAG K . 0.11 40.59 19.51
O3 NAG K . 0.43 43.38 18.93
O4 NAG K . 0.06 45.16 21.15
O5 NAG K . -1.90 42.23 22.15
O6 NAG K . -3.36 43.83 23.29
O7 NAG K . -1.56 39.75 18.26
C1 FUC K . 2.36 37.95 22.23
C2 FUC K . 3.43 39.04 22.40
C3 FUC K . 3.33 39.64 23.81
C4 FUC K . 3.42 38.54 24.89
C5 FUC K . 2.44 37.38 24.58
C6 FUC K . 2.68 36.14 25.43
O2 FUC K . 3.36 40.04 21.40
O3 FUC K . 4.41 40.55 24.04
O4 FUC K . 4.75 38.05 24.99
O5 FUC K . 2.51 36.95 23.20
C1 NAG L . 9.99 16.78 51.17
C2 NAG L . 9.32 15.79 50.21
C3 NAG L . 9.20 16.40 48.81
C4 NAG L . 8.56 17.79 48.85
C5 NAG L . 9.29 18.66 49.87
C6 NAG L . 8.66 20.02 50.10
C7 NAG L . 9.98 13.59 51.10
C8 NAG L . 10.84 12.38 50.88
N2 NAG L . 10.07 14.54 50.16
O3 NAG L . 8.43 15.55 47.98
O4 NAG L . 8.72 18.41 47.57
O5 NAG L . 9.30 18.00 51.15
O6 NAG L . 7.50 20.25 49.32
O7 NAG L . 9.25 13.70 52.07
C1 NAG L . 7.68 18.18 46.61
C2 NAG L . 7.93 19.19 45.50
C3 NAG L . 6.89 19.04 44.41
C4 NAG L . 6.85 17.62 43.88
C5 NAG L . 6.70 16.62 45.03
C6 NAG L . 6.88 15.18 44.59
C7 NAG L . 9.08 21.27 46.10
C8 NAG L . 8.92 22.65 46.65
N2 NAG L . 7.96 20.54 46.02
O3 NAG L . 7.21 19.94 43.34
O4 NAG L . 5.75 17.49 43.00
O5 NAG L . 7.68 16.86 46.06
O6 NAG L . 5.88 14.33 45.15
O7 NAG L . 10.16 20.83 45.75
C1 BMA L . 6.04 16.74 41.81
C2 BMA L . 4.96 15.68 41.72
C3 BMA L . 5.26 14.80 40.51
C4 BMA L . 5.30 15.66 39.23
C5 BMA L . 6.32 16.81 39.40
C6 BMA L . 6.31 17.78 38.23
O2 BMA L . 3.70 16.28 41.47
O3 BMA L . 4.37 13.67 40.41
O4 BMA L . 5.67 14.86 38.11
O5 BMA L . 6.03 17.55 40.63
O6 BMA L . 7.07 18.94 38.57
C1 MAN L . 3.12 13.98 39.75
C2 MAN L . 2.00 13.38 40.61
C3 MAN L . 2.20 11.87 40.69
C4 MAN L . 2.35 11.26 39.28
C5 MAN L . 3.41 12.02 38.45
C6 MAN L . 3.45 11.59 37.00
O2 MAN L . 0.71 13.58 40.02
O3 MAN L . 1.14 11.23 41.41
O4 MAN L . 2.73 9.89 39.40
O5 MAN L . 3.12 13.43 38.48
O6 MAN L . 3.25 10.19 36.94
C1 FUC L . 6.40 20.51 50.21
C2 FUC L . 6.54 21.90 50.93
C3 FUC L . 5.18 22.52 51.18
C4 FUC L . 4.14 21.41 51.42
C5 FUC L . 4.00 20.56 50.14
C6 FUC L . 3.55 19.11 50.41
O2 FUC L . 7.34 22.84 50.21
O3 FUC L . 5.21 23.35 52.34
O4 FUC L . 4.58 20.60 52.49
O5 FUC L . 5.22 20.46 49.43
C1 NAG M . -4.52 21.93 -9.60
C2 NAG M . -3.32 22.56 -10.33
C3 NAG M . -3.04 23.96 -9.79
C4 NAG M . -4.31 24.80 -9.76
C5 NAG M . -5.43 24.05 -9.06
C6 NAG M . -6.76 24.77 -9.12
C7 NAG M . -1.76 20.85 -11.14
C8 NAG M . -0.51 20.08 -10.86
N2 NAG M . -2.14 21.73 -10.21
O3 NAG M . -2.06 24.59 -10.59
O4 NAG M . -4.07 25.98 -8.99
O5 NAG M . -5.63 22.78 -9.71
O6 NAG M . -7.02 25.24 -10.43
O7 NAG M . -2.41 20.68 -12.18
C1 NAG M . -4.11 27.17 -9.78
C2 NAG M . -4.33 28.31 -8.81
C3 NAG M . -4.29 29.65 -9.53
C4 NAG M . -3.03 29.78 -10.36
C5 NAG M . -2.88 28.56 -11.28
C6 NAG M . -1.58 28.55 -12.03
C7 NAG M . -5.71 28.22 -6.77
C8 NAG M . -7.10 28.03 -6.22
N2 NAG M . -5.60 28.15 -8.10
O3 NAG M . -4.33 30.69 -8.55
O4 NAG M . -3.07 30.96 -11.15
O5 NAG M . -2.90 27.36 -10.49
O6 NAG M . -0.64 27.66 -11.45
O7 NAG M . -4.75 28.45 -6.05
C1 BMA M . -2.30 31.98 -10.48
C2 BMA M . -1.26 32.52 -11.48
C3 BMA M . -0.44 33.62 -10.81
C4 BMA M . -1.36 34.68 -10.13
C5 BMA M . -2.40 34.01 -9.22
C6 BMA M . -3.40 35.00 -8.64
O2 BMA M . -1.89 33.10 -12.61
O3 BMA M . 0.45 34.25 -11.73
O4 BMA M . -0.58 35.58 -9.36
O5 BMA M . -3.12 33.03 -10.00
O6 BMA M . -4.11 34.38 -7.57
C1 FUC M . -8.43 25.04 -10.72
C2 FUC M . -8.75 25.84 -12.01
C3 FUC M . -8.08 25.19 -13.23
C4 FUC M . -8.50 23.71 -13.34
C5 FUC M . -8.21 22.98 -12.03
C6 FUC M . -8.79 21.57 -12.02
O2 FUC M . -8.35 27.21 -11.91
O3 FUC M . -8.47 25.88 -14.41
O4 FUC M . -9.88 23.61 -13.64
O5 FUC M . -8.75 23.65 -10.88
C1 NAG N . -20.37 32.27 -29.18
C2 NAG N . -20.01 31.98 -30.65
C3 NAG N . -19.78 30.49 -30.87
C4 NAG N . -18.79 29.94 -29.85
C5 NAG N . -19.24 30.28 -28.44
C6 NAG N . -18.26 29.84 -27.38
C7 NAG N . -21.02 33.71 -32.07
C8 NAG N . -22.18 34.05 -32.96
N2 NAG N . -21.04 32.48 -31.53
O3 NAG N . -19.30 30.28 -32.18
O4 NAG N . -18.68 28.52 -29.99
O5 NAG N . -19.38 31.70 -28.32
O6 NAG N . -16.99 30.44 -27.57
O7 NAG N . -20.11 34.50 -31.85
C1 NAG N . -17.29 28.18 -30.18
C2 NAG N . -17.08 26.69 -29.86
C3 NAG N . -15.63 26.30 -30.13
C4 NAG N . -15.23 26.67 -31.55
C5 NAG N . -15.50 28.15 -31.80
C6 NAG N . -15.23 28.56 -33.24
C7 NAG N . -17.97 25.22 -28.11
C8 NAG N . -18.14 24.20 -29.19
N2 NAG N . -17.45 26.39 -28.49
O3 NAG N . -15.47 24.91 -29.92
O4 NAG N . -13.85 26.40 -31.75
O5 NAG N . -16.89 28.44 -31.54
O6 NAG N . -15.81 29.83 -33.53
O7 NAG N . -18.27 25.00 -26.93
C1 FUC N . -16.14 30.14 -26.45
C2 FUC N . -14.75 29.84 -27.00
C3 FUC N . -14.19 31.08 -27.69
C4 FUC N . -14.18 32.27 -26.72
C5 FUC N . -15.58 32.46 -26.08
C6 FUC N . -15.57 33.45 -24.93
O2 FUC N . -14.73 28.71 -27.87
O3 FUC N . -12.84 30.86 -28.11
O4 FUC N . -13.21 32.08 -25.71
O5 FUC N . -16.09 31.22 -25.55
C1 NAG O . -71.71 29.26 -58.36
C2 NAG O . -72.09 28.02 -59.17
C3 NAG O . -73.56 27.66 -58.96
C4 NAG O . -73.87 27.54 -57.47
C5 NAG O . -73.45 28.81 -56.74
C6 NAG O . -73.63 28.73 -55.25
C7 NAG O . -70.79 27.57 -61.21
C8 NAG O . -70.64 27.87 -62.67
N2 NAG O . -71.80 28.19 -60.58
O3 NAG O . -73.85 26.44 -59.63
O4 NAG O . -75.25 27.29 -57.26
O5 NAG O . -72.06 29.07 -56.98
O6 NAG O . -72.62 27.95 -54.64
O7 NAG O . -70.04 26.80 -60.62
C1 NAG O . -75.45 25.91 -56.91
C2 NAG O . -76.54 25.81 -55.83
C3 NAG O . -76.80 24.35 -55.47
C4 NAG O . -77.13 23.56 -56.74
C5 NAG O . -76.04 23.73 -57.78
C6 NAG O . -76.36 23.07 -59.10
C7 NAG O . -75.15 26.26 -53.85
C8 NAG O . -74.94 27.17 -52.67
N2 NAG O . -76.18 26.57 -54.65
O3 NAG O . -77.88 24.27 -54.56
O4 NAG O . -77.26 22.17 -56.41
O5 NAG O . -75.84 25.14 -58.06
O6 NAG O . -75.42 22.06 -59.42
O7 NAG O . -74.42 25.31 -54.07
CAC FLC P . 29.14 18.54 39.86
CA FLC P . 28.36 19.86 39.96
CB FLC P . 29.19 21.12 40.23
CBC FLC P . 30.03 21.46 39.00
CG FLC P . 28.24 22.28 40.53
CGC FLC P . 27.52 22.16 41.86
OA1 FLC P . 30.30 18.44 40.33
OA2 FLC P . 28.60 17.55 39.29
OB1 FLC P . 29.48 21.80 37.93
OB2 FLC P . 31.29 21.43 39.08
OG1 FLC P . 26.42 22.75 42.03
OG2 FLC P . 28.02 21.47 42.79
OHB FLC P . 30.02 20.92 41.33
CAC FLC Q . 2.21 29.00 14.58
CA FLC Q . 3.52 29.76 14.34
CB FLC Q . 3.36 31.26 14.07
CBC FLC Q . 2.96 32.01 15.35
CG FLC Q . 4.69 31.81 13.56
CGC FLC Q . 5.18 31.13 12.30
OA1 FLC Q . 1.11 29.58 14.35
OA2 FLC Q . 2.23 27.80 14.98
OB1 FLC Q . 1.98 32.79 15.35
OB2 FLC Q . 3.64 31.85 16.40
OG1 FLC Q . 4.35 30.79 11.41
OG2 FLC Q . 6.40 30.88 12.16
OHB FLC Q . 2.38 31.45 13.09
C1 PEG R . 25.99 13.26 58.89
O1 PEG R . 24.70 13.70 58.56
C2 PEG R . 26.44 12.18 57.90
O2 PEG R . 26.95 12.78 56.74
C3 PEG R . 28.17 12.24 56.29
C4 PEG R . 28.57 12.90 54.96
O4 PEG R . 29.63 12.19 54.36
O6 BU3 S . -7.70 25.23 34.61
C3 BU3 S . -6.63 25.00 33.72
C4 BU3 S . -6.98 25.69 32.40
C2 BU3 S . -6.45 23.50 33.50
O5 BU3 S . -7.55 22.81 34.04
C1 BU3 S . -5.17 23.04 34.20
HO6 BU3 S . -7.46 25.79 35.19
H3 BU3 S . -5.82 25.39 34.08
H41 BU3 S . -6.88 26.65 32.51
H42 BU3 S . -7.89 25.48 32.15
H43 BU3 S . -6.38 25.37 31.71
H2 BU3 S . -6.39 23.32 32.56
HO5 BU3 S . -7.61 22.06 33.67
H11 BU3 S . -5.07 22.08 34.11
H12 BU3 S . -4.40 23.48 33.79
H13 BU3 S . -5.20 23.28 35.14
O6 BU3 T . -2.00 14.30 34.02
C3 BU3 T . -3.25 14.72 34.50
C4 BU3 T . -4.11 15.13 33.32
C2 BU3 T . -3.08 15.91 35.44
O5 BU3 T . -1.97 16.67 35.05
C1 BU3 T . -2.90 15.42 36.88
HO6 BU3 T . -2.07 13.51 33.69
H3 BU3 T . -3.68 13.99 34.98
H41 BU3 T . -4.37 14.34 32.82
H42 BU3 T . -3.61 15.73 32.75
H43 BU3 T . -4.91 15.59 33.64
H2 BU3 T . -3.88 16.47 35.40
HO5 BU3 T . -2.17 17.49 35.07
H11 BU3 T . -2.71 16.17 37.46
H12 BU3 T . -3.70 14.95 37.17
H13 BU3 T . -2.14 14.80 36.91
C1 NAG U . -34.61 53.26 -26.23
C2 NAG U . -33.93 52.92 -24.90
C3 NAG U . -33.05 54.07 -24.41
C4 NAG U . -33.79 55.41 -24.48
C5 NAG U . -34.51 55.57 -25.80
C6 NAG U . -34.19 56.87 -26.52
C7 NAG U . -35.47 51.35 -23.80
C8 NAG U . -35.02 50.34 -24.82
N2 NAG U . -34.92 52.56 -23.89
O3 NAG U . -31.87 54.13 -25.21
O4 NAG U . -34.72 55.51 -23.41
O5 NAG U . -34.14 54.51 -26.69
O6 NAG U . -34.13 56.68 -27.92
O7 NAG U . -36.30 51.08 -22.94
C1 PEG V . -48.93 38.85 -24.18
O1 PEG V . -49.85 38.10 -24.94
C2 PEG V . -48.52 40.10 -24.96
O2 PEG V . -49.64 40.62 -25.62
C3 PEG V . -49.51 41.96 -25.99
C4 PEG V . -50.80 42.71 -25.67
O4 PEG V . -50.99 42.73 -24.28
#